data_7LSI
#
_entry.id   7LSI
#
_cell.length_a   53.164
_cell.length_b   90.236
_cell.length_c   81.529
_cell.angle_alpha   90.000
_cell.angle_beta   93.810
_cell.angle_gamma   90.000
#
_symmetry.space_group_name_H-M   'P 1 21 1'
#
loop_
_entity.id
_entity.type
_entity.pdbx_description
1 polymer 'KD035 Fab heavy chain'
2 polymer 'KD035 Fab light chain'
3 water water
#
loop_
_entity_poly.entity_id
_entity_poly.type
_entity_poly.pdbx_seq_one_letter_code
_entity_poly.pdbx_strand_id
1 'polypeptide(L)'
;EVQLLESGGGLVQPGGSLRLSCAASGFTFSWYVMGWVRQAPGKGLEWVSSIYPSGGATNYADSVKGRFTISRDNSKNTLY
LQMNSLRAEDTAVYYCARGNYFDYWGQGTLVTVSSASTKGPSVFPLAPSSKSTSGGTAALGCLVKDYFPEPVTVSWNSGA
LTSGVHTFPAVLQSSGLYSLSSVVTVPSSSLGTQTYICNVNHKPSNTKVDKRVEPKSC
;
A,B
2 'polypeptide(L)'
;QSVLTQPPSVSVSPGQTASITCSGEKLGDEYASWYQQKPGQSPVLVIYQDNKRPSGIPERFSGSNSGNTATLTISGTQAM
DEADYYCQAWDSSTLLFGGGTKLTVLGQPKAAPSVTLFPPSSEELQANKATLVCLISDFYPGAVTVAWKADSSPVKAGVE
TTKPSKQSNNKYAASSYLSLTPEQWKSHRSYSCQVTHEGSTVEKTVAPTECS
;
C,D
#
# COMPACT_ATOMS: atom_id res chain seq x y z
N GLU A 1 15.02 -0.09 -8.34
CA GLU A 1 15.87 0.08 -9.52
C GLU A 1 15.62 1.38 -10.32
N VAL A 2 14.78 1.30 -11.36
CA VAL A 2 14.42 2.52 -12.07
C VAL A 2 13.67 3.47 -11.17
N GLN A 3 14.26 4.64 -10.94
CA GLN A 3 13.67 5.69 -10.12
C GLN A 3 13.40 6.93 -10.96
N LEU A 4 12.16 7.40 -10.95
CA LEU A 4 11.80 8.68 -11.57
C LEU A 4 11.07 9.53 -10.51
N LEU A 5 11.73 10.57 -10.01
CA LEU A 5 11.17 11.35 -8.90
C LEU A 5 10.98 12.82 -9.26
N GLU A 6 9.78 13.32 -9.06
CA GLU A 6 9.48 14.67 -9.48
C GLU A 6 9.42 15.68 -8.37
N SER A 7 9.55 16.95 -8.75
CA SER A 7 9.49 18.10 -7.87
C SER A 7 8.93 19.30 -8.62
N GLY A 8 8.68 20.38 -7.90
CA GLY A 8 8.39 21.64 -8.54
C GLY A 8 6.91 21.95 -8.65
N GLY A 9 6.06 20.99 -8.33
CA GLY A 9 4.63 21.26 -8.31
C GLY A 9 4.14 22.37 -7.37
N GLY A 10 2.95 22.89 -7.64
CA GLY A 10 2.34 23.86 -6.75
C GLY A 10 1.40 24.84 -7.43
N LEU A 11 1.14 25.94 -6.73
CA LEU A 11 0.24 26.98 -7.22
C LEU A 11 1.00 28.03 -8.06
N VAL A 12 0.41 28.43 -9.18
CA VAL A 12 0.99 29.48 -9.99
C VAL A 12 -0.16 30.27 -10.59
N GLN A 13 0.07 31.56 -10.82
CA GLN A 13 -0.93 32.47 -11.37
C GLN A 13 -0.99 32.35 -12.88
N PRO A 14 -2.15 32.61 -13.51
CA PRO A 14 -2.24 32.69 -14.96
C PRO A 14 -1.15 33.60 -15.55
N GLY A 15 -0.42 33.13 -16.55
CA GLY A 15 0.57 33.96 -17.20
C GLY A 15 1.91 33.93 -16.50
N GLY A 16 1.95 33.27 -15.34
CA GLY A 16 3.17 33.05 -14.57
C GLY A 16 3.93 31.80 -15.02
N SER A 17 5.06 31.55 -14.38
CA SER A 17 5.96 30.50 -14.84
C SER A 17 6.33 29.50 -13.74
N LEU A 18 6.74 28.30 -14.12
CA LEU A 18 6.98 27.26 -13.16
C LEU A 18 7.83 26.19 -13.80
N ARG A 19 8.78 25.66 -13.04
CA ARG A 19 9.69 24.67 -13.58
C ARG A 19 9.62 23.38 -12.77
N LEU A 20 9.41 22.29 -13.49
CA LEU A 20 9.28 20.96 -12.92
C LEU A 20 10.57 20.25 -13.09
N SER A 21 10.87 19.35 -12.17
CA SER A 21 12.02 18.49 -12.39
C SER A 21 11.65 17.02 -12.29
N CYS A 22 12.51 16.21 -12.86
CA CYS A 22 12.41 14.78 -12.72
C CYS A 22 13.82 14.27 -12.52
N ALA A 23 14.07 13.73 -11.35
CA ALA A 23 15.36 13.16 -11.03
C ALA A 23 15.32 11.66 -11.26
N ALA A 24 16.29 11.16 -12.02
CA ALA A 24 16.26 9.76 -12.44
C ALA A 24 17.50 8.95 -12.05
N SER A 25 17.29 7.64 -11.92
CA SER A 25 18.37 6.68 -11.66
C SER A 25 17.91 5.27 -11.95
N GLY A 26 18.83 4.32 -11.84
CA GLY A 26 18.52 2.91 -12.06
C GLY A 26 18.70 2.45 -13.48
N PHE A 27 19.12 3.36 -14.35
CA PHE A 27 19.26 3.07 -15.77
C PHE A 27 20.13 4.17 -16.36
N THR A 28 20.67 3.95 -17.54
CA THR A 28 21.55 4.93 -18.14
C THR A 28 20.77 6.07 -18.79
N PHE A 29 20.59 7.15 -18.03
CA PHE A 29 19.78 8.30 -18.42
C PHE A 29 20.02 8.81 -19.84
N SER A 30 21.23 9.29 -20.10
CA SER A 30 21.61 9.91 -21.37
C SER A 30 21.37 9.06 -22.62
N TRP A 31 21.09 7.78 -22.44
CA TRP A 31 20.74 6.93 -23.56
C TRP A 31 19.24 7.01 -23.93
N TYR A 32 18.39 7.55 -23.04
CA TYR A 32 16.95 7.49 -23.27
C TYR A 32 16.27 8.79 -23.68
N VAL A 33 15.35 8.66 -24.63
CA VAL A 33 14.31 9.64 -24.80
C VAL A 33 13.65 9.86 -23.44
N MET A 34 13.31 11.09 -23.10
CA MET A 34 12.43 11.31 -21.94
C MET A 34 11.32 12.24 -22.38
N GLY A 35 10.28 12.36 -21.58
CA GLY A 35 9.25 13.34 -21.87
C GLY A 35 8.22 13.55 -20.79
N TRP A 36 7.33 14.50 -21.00
CA TRP A 36 6.30 14.79 -20.00
C TRP A 36 4.90 14.45 -20.52
N VAL A 37 4.07 13.88 -19.65
CA VAL A 37 2.68 13.61 -19.99
C VAL A 37 1.82 14.10 -18.85
N ARG A 38 0.75 14.82 -19.16
CA ARG A 38 -0.07 15.37 -18.09
C ARG A 38 -1.51 14.86 -18.11
N GLN A 39 -2.19 15.11 -16.98
CA GLN A 39 -3.52 14.57 -16.73
C GLN A 39 -4.30 15.49 -15.81
N ALA A 40 -5.23 16.24 -16.37
CA ALA A 40 -6.06 17.14 -15.58
C ALA A 40 -7.03 16.26 -14.78
N PRO A 41 -7.42 16.68 -13.56
CA PRO A 41 -8.19 15.87 -12.59
C PRO A 41 -9.43 15.19 -13.19
N GLY A 42 -9.56 13.88 -13.01
CA GLY A 42 -10.66 13.12 -13.58
C GLY A 42 -10.79 13.22 -15.09
N LYS A 43 -9.72 13.61 -15.77
CA LYS A 43 -9.71 13.59 -17.23
C LYS A 43 -8.57 12.72 -17.78
N GLY A 44 -8.32 12.81 -19.08
CA GLY A 44 -7.47 11.82 -19.75
C GLY A 44 -6.02 12.25 -19.97
N LEU A 45 -5.20 11.29 -20.37
CA LEU A 45 -3.80 11.57 -20.61
C LEU A 45 -3.55 12.42 -21.86
N GLU A 46 -2.54 13.27 -21.76
CA GLU A 46 -2.11 14.10 -22.88
C GLU A 46 -0.59 14.28 -22.89
N TRP A 47 0.02 13.85 -23.98
CA TRP A 47 1.42 14.18 -24.22
C TRP A 47 1.62 15.69 -24.22
N VAL A 48 2.65 16.11 -23.47
CA VAL A 48 3.14 17.48 -23.45
C VAL A 48 4.35 17.67 -24.37
N SER A 49 5.41 16.93 -24.10
CA SER A 49 6.65 17.13 -24.86
C SER A 49 7.65 16.00 -24.69
N SER A 50 8.55 15.85 -25.64
CA SER A 50 9.62 14.87 -25.50
C SER A 50 10.94 15.44 -26.00
N ILE A 51 12.03 14.78 -25.60
CA ILE A 51 13.36 15.25 -25.91
C ILE A 51 14.32 14.09 -26.11
N TYR A 52 15.17 14.20 -27.15
CA TYR A 52 16.17 13.19 -27.50
C TYR A 52 17.24 12.96 -26.43
N PRO A 53 17.85 11.76 -26.43
CA PRO A 53 19.00 11.38 -25.59
C PRO A 53 19.99 12.51 -25.36
N SER A 54 20.43 13.10 -26.46
CA SER A 54 21.50 14.08 -26.41
C SER A 54 20.99 15.43 -25.94
N GLY A 55 19.67 15.61 -25.97
CA GLY A 55 19.06 16.89 -25.65
C GLY A 55 19.12 17.85 -26.81
N GLY A 56 19.70 17.41 -27.93
CA GLY A 56 19.78 18.22 -29.13
C GLY A 56 18.50 18.49 -29.90
N ALA A 57 17.37 17.89 -29.53
CA ALA A 57 16.11 18.15 -30.24
C ALA A 57 14.86 17.80 -29.46
N THR A 58 13.77 18.50 -29.78
CA THR A 58 12.56 18.42 -28.97
C THR A 58 11.29 18.34 -29.80
N ASN A 59 10.22 17.81 -29.20
CA ASN A 59 8.91 17.89 -29.81
C ASN A 59 7.87 18.36 -28.79
N TYR A 60 6.84 19.04 -29.29
CA TYR A 60 5.78 19.59 -28.45
C TYR A 60 4.39 19.28 -28.98
N ALA A 61 3.44 19.07 -28.07
CA ALA A 61 2.03 19.12 -28.40
C ALA A 61 1.68 20.56 -28.80
N ASP A 62 0.70 20.73 -29.70
CA ASP A 62 0.30 22.05 -30.19
C ASP A 62 -0.11 23.00 -29.08
N SER A 63 -0.85 22.48 -28.10
CA SER A 63 -1.43 23.36 -27.07
C SER A 63 -0.39 24.05 -26.16
N VAL A 64 0.75 23.40 -25.92
CA VAL A 64 1.85 24.01 -25.14
C VAL A 64 3.02 24.58 -25.99
N LYS A 65 2.97 24.39 -27.31
CA LYS A 65 4.08 24.78 -28.20
C LYS A 65 4.29 26.28 -28.11
N GLY A 66 5.54 26.70 -28.05
CA GLY A 66 5.84 28.10 -27.84
C GLY A 66 5.88 28.48 -26.37
N ARG A 67 5.06 27.84 -25.55
CA ARG A 67 4.93 28.23 -24.15
C ARG A 67 5.78 27.38 -23.18
N PHE A 68 6.09 26.14 -23.56
CA PHE A 68 6.86 25.28 -22.66
C PHE A 68 8.26 25.05 -23.22
N THR A 69 9.18 24.69 -22.36
CA THR A 69 10.53 24.34 -22.78
C THR A 69 10.98 23.10 -22.03
N ILE A 70 11.20 22.03 -22.78
CA ILE A 70 11.75 20.82 -22.21
C ILE A 70 13.27 20.90 -22.35
N SER A 71 13.99 20.48 -21.33
CA SER A 71 15.45 20.42 -21.41
C SER A 71 15.95 19.29 -20.52
N ARG A 72 17.19 18.89 -20.71
CA ARG A 72 17.71 17.87 -19.84
C ARG A 72 19.13 18.21 -19.41
N ASP A 73 19.58 17.59 -18.33
CA ASP A 73 20.95 17.70 -17.89
C ASP A 73 21.46 16.29 -17.69
N ASN A 74 22.17 15.77 -18.69
CA ASN A 74 22.61 14.37 -18.66
C ASN A 74 23.69 14.07 -17.62
N SER A 75 24.31 15.11 -17.07
CA SER A 75 25.30 14.87 -16.03
C SER A 75 24.63 14.70 -14.68
N LYS A 76 23.50 15.36 -14.47
CA LYS A 76 22.82 15.29 -13.18
C LYS A 76 21.59 14.35 -13.25
N ASN A 77 21.42 13.68 -14.39
CA ASN A 77 20.31 12.75 -14.60
C ASN A 77 18.95 13.39 -14.26
N THR A 78 18.75 14.59 -14.78
CA THR A 78 17.55 15.38 -14.51
C THR A 78 16.86 15.83 -15.79
N LEU A 79 15.53 15.81 -15.76
CA LEU A 79 14.67 16.33 -16.81
C LEU A 79 13.90 17.53 -16.29
N TYR A 80 13.77 18.55 -17.13
CA TYR A 80 13.04 19.75 -16.73
C TYR A 80 11.86 20.00 -17.61
N LEU A 81 10.93 20.77 -17.09
CA LEU A 81 9.85 21.30 -17.90
C LEU A 81 9.65 22.72 -17.41
N GLN A 82 10.30 23.65 -18.11
CA GLN A 82 9.98 25.06 -18.02
C GLN A 82 8.55 25.34 -18.52
N MET A 83 7.69 25.90 -17.66
CA MET A 83 6.31 26.20 -18.05
C MET A 83 5.97 27.68 -17.92
N ASN A 84 5.89 28.38 -19.04
CA ASN A 84 5.56 29.80 -19.03
C ASN A 84 4.24 30.11 -19.69
N SER A 85 3.79 31.36 -19.49
CA SER A 85 2.48 31.79 -19.93
C SER A 85 1.45 30.76 -19.54
N LEU A 86 1.37 30.49 -18.26
CA LEU A 86 0.49 29.44 -17.80
C LEU A 86 -0.95 29.87 -18.01
N ARG A 87 -1.76 28.89 -18.40
CA ARG A 87 -3.19 29.08 -18.60
C ARG A 87 -3.91 28.06 -17.73
N ALA A 88 -5.12 28.38 -17.29
CA ALA A 88 -5.88 27.50 -16.42
C ALA A 88 -5.99 26.08 -16.99
N GLU A 89 -5.93 25.99 -18.32
CA GLU A 89 -5.89 24.71 -19.07
C GLU A 89 -4.67 23.84 -18.76
N ASP A 90 -3.65 24.42 -18.13
CA ASP A 90 -2.42 23.69 -17.88
C ASP A 90 -2.46 23.02 -16.52
N THR A 91 -3.55 23.24 -15.79
CA THR A 91 -3.74 22.58 -14.49
C THR A 91 -3.85 21.09 -14.68
N ALA A 92 -2.91 20.34 -14.12
CA ALA A 92 -2.85 18.90 -14.32
C ALA A 92 -1.82 18.31 -13.41
N VAL A 93 -1.87 16.99 -13.22
CA VAL A 93 -0.76 16.28 -12.67
C VAL A 93 0.21 16.09 -13.82
N TYR A 94 1.48 16.34 -13.57
CA TYR A 94 2.49 16.22 -14.61
C TYR A 94 3.35 14.98 -14.41
N TYR A 95 3.31 14.08 -15.40
CA TYR A 95 4.05 12.84 -15.33
C TYR A 95 5.35 12.89 -16.12
N CYS A 96 6.38 12.51 -15.40
CA CYS A 96 7.69 12.21 -15.93
C CYS A 96 7.69 10.77 -16.48
N ALA A 97 8.17 10.53 -17.69
CA ALA A 97 8.17 9.16 -18.22
C ALA A 97 9.28 8.92 -19.23
N ARG A 98 9.90 7.76 -19.13
CA ARG A 98 11.10 7.45 -19.88
C ARG A 98 10.89 6.73 -21.19
N GLY A 99 11.45 7.27 -22.27
CA GLY A 99 11.66 6.51 -23.50
C GLY A 99 10.65 6.80 -24.59
N ASN A 100 10.83 6.13 -25.72
CA ASN A 100 9.89 6.27 -26.84
C ASN A 100 8.46 5.91 -26.44
N TYR A 101 8.30 4.72 -25.87
CA TYR A 101 7.00 4.22 -25.40
C TYR A 101 7.05 4.29 -23.90
N PHE A 102 6.15 5.01 -23.26
CA PHE A 102 6.37 5.39 -21.86
C PHE A 102 6.39 4.18 -20.92
N ASP A 103 7.58 3.63 -20.73
CA ASP A 103 7.66 2.32 -20.09
C ASP A 103 7.93 2.43 -18.57
N TYR A 104 8.41 3.58 -18.14
CA TYR A 104 8.48 3.91 -16.71
C TYR A 104 7.99 5.32 -16.44
N TRP A 105 7.28 5.50 -15.33
CA TRP A 105 6.63 6.77 -14.99
C TRP A 105 6.88 7.18 -13.55
N GLY A 106 7.08 8.47 -13.33
CA GLY A 106 7.13 8.98 -11.98
C GLY A 106 5.75 9.01 -11.35
N GLN A 107 5.70 9.54 -10.13
CA GLN A 107 4.44 9.56 -9.39
C GLN A 107 3.61 10.80 -9.72
N GLY A 108 4.21 11.77 -10.40
CA GLY A 108 3.51 12.97 -10.81
C GLY A 108 3.55 14.08 -9.77
N THR A 109 3.71 15.33 -10.24
CA THR A 109 3.42 16.50 -9.38
C THR A 109 2.27 17.27 -9.97
N LEU A 110 1.43 17.76 -9.09
CA LEU A 110 0.21 18.48 -9.44
C LEU A 110 0.50 19.94 -9.63
N VAL A 111 0.13 20.50 -10.79
CA VAL A 111 0.28 21.94 -10.98
C VAL A 111 -1.09 22.60 -11.09
N THR A 112 -1.30 23.64 -10.27
CA THR A 112 -2.59 24.33 -10.23
C THR A 112 -2.43 25.80 -10.62
N VAL A 113 -3.09 26.16 -11.72
CA VAL A 113 -3.01 27.49 -12.26
C VAL A 113 -4.30 28.20 -11.96
N SER A 114 -4.23 29.13 -11.02
CA SER A 114 -5.38 29.91 -10.58
C SER A 114 -4.96 31.34 -10.15
N SER A 115 -5.91 32.24 -10.11
CA SER A 115 -5.61 33.59 -9.65
C SER A 115 -5.72 33.63 -8.15
N ALA A 116 -6.27 32.56 -7.59
CA ALA A 116 -6.65 32.53 -6.19
C ALA A 116 -5.47 32.32 -5.23
N SER A 117 -5.66 32.72 -3.98
CA SER A 117 -4.67 32.54 -2.92
C SER A 117 -4.56 31.11 -2.42
N THR A 118 -3.35 30.70 -2.05
CA THR A 118 -3.22 29.49 -1.26
C THR A 118 -4.09 29.63 -0.02
N LYS A 119 -4.64 28.55 0.51
CA LYS A 119 -5.15 28.64 1.87
C LYS A 119 -4.89 27.38 2.69
N GLY A 120 -4.30 27.57 3.87
CA GLY A 120 -4.09 26.48 4.80
C GLY A 120 -5.41 25.92 5.29
N PRO A 121 -5.49 24.60 5.39
CA PRO A 121 -6.66 23.97 6.02
C PRO A 121 -6.71 24.20 7.52
N SER A 122 -7.90 24.21 8.08
CA SER A 122 -8.06 24.04 9.51
C SER A 122 -8.26 22.55 9.77
N VAL A 123 -7.56 21.98 10.75
CA VAL A 123 -7.72 20.54 11.01
C VAL A 123 -8.30 20.20 12.39
N PHE A 124 -9.46 19.55 12.36
CA PHE A 124 -10.19 19.23 13.59
C PHE A 124 -10.34 17.72 13.82
N PRO A 125 -10.31 17.30 15.09
CA PRO A 125 -10.55 15.89 15.42
C PRO A 125 -12.01 15.52 15.13
N LEU A 126 -12.25 14.27 14.72
CA LEU A 126 -13.62 13.77 14.49
C LEU A 126 -13.88 12.66 15.49
N ALA A 127 -14.60 12.97 16.58
CA ALA A 127 -14.68 12.04 17.71
C ALA A 127 -15.69 10.92 17.48
N PRO A 128 -15.43 9.74 18.07
CA PRO A 128 -16.30 8.56 17.97
C PRO A 128 -17.37 8.50 19.05
N SER A 129 -18.30 7.54 18.92
CA SER A 129 -19.25 7.17 19.99
C SER A 129 -19.95 8.35 20.65
N GLY A 136 -17.38 -2.64 20.51
CA GLY A 136 -17.04 -3.29 19.26
C GLY A 136 -15.98 -2.48 18.52
N THR A 137 -16.33 -1.97 17.35
CA THR A 137 -15.42 -1.07 16.61
C THR A 137 -15.79 0.40 16.79
N ALA A 138 -14.81 1.28 16.59
CA ALA A 138 -15.04 2.72 16.64
C ALA A 138 -14.27 3.42 15.53
N ALA A 139 -14.90 4.43 14.98
CA ALA A 139 -14.31 5.21 13.91
C ALA A 139 -13.93 6.56 14.51
N LEU A 140 -12.66 6.89 14.49
CA LEU A 140 -12.28 8.26 14.81
C LEU A 140 -11.59 8.86 13.61
N GLY A 141 -11.48 10.18 13.58
CA GLY A 141 -10.99 10.79 12.35
C GLY A 141 -10.57 12.23 12.39
N CYS A 142 -10.20 12.74 11.22
CA CYS A 142 -9.74 14.10 11.10
C CYS A 142 -10.39 14.83 9.95
N LEU A 143 -10.92 16.01 10.25
CA LEU A 143 -11.47 16.88 9.20
C LEU A 143 -10.41 17.88 8.76
N VAL A 144 -10.14 17.88 7.45
CA VAL A 144 -9.16 18.81 6.88
C VAL A 144 -9.91 19.85 6.07
N LYS A 145 -10.27 20.95 6.73
CA LYS A 145 -11.27 21.88 6.19
C LYS A 145 -10.71 23.09 5.45
N ASP A 146 -11.29 23.36 4.27
CA ASP A 146 -11.15 24.68 3.63
C ASP A 146 -9.75 25.00 3.18
N TYR A 147 -9.24 24.27 2.19
CA TYR A 147 -7.90 24.59 1.72
C TYR A 147 -7.81 24.69 0.22
N PHE A 148 -6.65 25.17 -0.23
CA PHE A 148 -6.36 25.39 -1.64
C PHE A 148 -4.87 25.68 -1.90
N PRO A 149 -4.30 25.07 -2.95
CA PRO A 149 -4.94 24.05 -3.80
C PRO A 149 -4.69 22.67 -3.22
N GLU A 150 -5.10 21.62 -3.92
CA GLU A 150 -4.64 20.26 -3.61
C GLU A 150 -3.11 20.18 -3.75
N PRO A 151 -2.46 19.17 -3.14
CA PRO A 151 -2.97 18.09 -2.29
C PRO A 151 -2.67 18.31 -0.81
N VAL A 152 -3.29 17.50 0.04
CA VAL A 152 -2.86 17.42 1.43
C VAL A 152 -2.41 16.00 1.69
N THR A 153 -1.49 15.81 2.61
CA THR A 153 -1.22 14.46 3.04
C THR A 153 -1.74 14.36 4.46
N VAL A 154 -2.39 13.24 4.76
CA VAL A 154 -2.83 12.91 6.10
C VAL A 154 -2.30 11.57 6.54
N SER A 155 -1.67 11.50 7.71
CA SER A 155 -1.36 10.19 8.26
C SER A 155 -1.69 10.11 9.74
N TRP A 156 -1.28 9.01 10.39
CA TRP A 156 -1.71 8.74 11.76
C TRP A 156 -0.56 8.35 12.68
N ASN A 157 -0.54 8.91 13.89
CA ASN A 157 0.52 8.62 14.89
C ASN A 157 1.91 8.70 14.24
N SER A 158 2.13 9.77 13.48
CA SER A 158 3.41 10.09 12.85
C SER A 158 3.89 9.05 11.83
N GLY A 159 2.93 8.32 11.26
CA GLY A 159 3.21 7.32 10.26
C GLY A 159 3.00 5.92 10.82
N ALA A 160 3.22 5.75 12.12
CA ALA A 160 3.15 4.43 12.77
C ALA A 160 1.87 3.64 12.53
N LEU A 161 0.75 4.34 12.42
CA LEU A 161 -0.56 3.70 12.34
C LEU A 161 -1.00 3.69 10.88
N THR A 162 -1.30 2.50 10.38
CA THR A 162 -1.43 2.35 8.94
C THR A 162 -2.63 1.50 8.50
N SER A 163 -2.99 0.51 9.32
CA SER A 163 -4.07 -0.39 8.94
C SER A 163 -5.38 0.22 9.46
N GLY A 164 -6.50 -0.09 8.81
CA GLY A 164 -7.79 0.42 9.23
C GLY A 164 -8.03 1.88 8.88
N VAL A 165 -7.00 2.50 8.33
CA VAL A 165 -6.90 3.91 7.94
C VAL A 165 -7.47 4.21 6.55
N HIS A 166 -8.49 5.06 6.48
CA HIS A 166 -9.04 5.45 5.17
C HIS A 166 -9.11 6.96 4.98
N THR A 167 -8.39 7.48 3.98
CA THR A 167 -8.48 8.91 3.65
C THR A 167 -9.38 9.14 2.42
N PHE A 168 -10.40 9.97 2.58
CA PHE A 168 -11.39 10.15 1.53
C PHE A 168 -10.90 11.18 0.52
N PRO A 169 -11.31 11.02 -0.74
CA PRO A 169 -11.12 12.09 -1.72
C PRO A 169 -11.81 13.40 -1.26
N ALA A 170 -11.24 14.53 -1.61
CA ALA A 170 -11.73 15.81 -1.11
C ALA A 170 -13.02 16.21 -1.83
N VAL A 171 -13.72 17.19 -1.27
CA VAL A 171 -14.75 17.89 -2.02
C VAL A 171 -14.22 19.24 -2.51
N LEU A 172 -14.65 19.63 -3.69
CA LEU A 172 -14.49 21.01 -4.14
C LEU A 172 -15.78 21.75 -3.85
N GLN A 173 -15.78 22.54 -2.80
CA GLN A 173 -16.98 23.27 -2.40
C GLN A 173 -17.23 24.40 -3.40
N SER A 174 -18.45 24.92 -3.45
CA SER A 174 -18.78 25.92 -4.46
C SER A 174 -18.05 27.22 -4.17
N SER A 175 -17.50 27.32 -2.97
CA SER A 175 -16.58 28.40 -2.61
C SER A 175 -15.21 28.26 -3.29
N GLY A 176 -14.95 27.14 -3.96
CA GLY A 176 -13.65 26.91 -4.57
C GLY A 176 -12.54 26.44 -3.63
N LEU A 177 -12.86 26.24 -2.36
CA LEU A 177 -11.91 25.63 -1.43
C LEU A 177 -12.15 24.13 -1.40
N TYR A 178 -11.16 23.35 -0.94
CA TYR A 178 -11.34 21.91 -0.76
C TYR A 178 -11.50 21.56 0.71
N SER A 179 -12.13 20.44 0.97
CA SER A 179 -12.20 19.84 2.29
C SER A 179 -12.14 18.33 2.11
N LEU A 180 -11.42 17.64 2.99
CA LEU A 180 -11.46 16.17 2.98
C LEU A 180 -11.35 15.61 4.40
N SER A 181 -11.72 14.35 4.56
CA SER A 181 -11.44 13.62 5.79
C SER A 181 -10.62 12.34 5.58
N SER A 182 -10.21 11.77 6.70
CA SER A 182 -9.47 10.52 6.79
C SER A 182 -9.85 9.92 8.12
N VAL A 183 -10.19 8.64 8.15
CA VAL A 183 -10.62 8.02 9.41
C VAL A 183 -9.94 6.72 9.64
N VAL A 184 -10.01 6.27 10.88
CA VAL A 184 -9.37 5.02 11.23
C VAL A 184 -10.31 4.24 12.14
N THR A 185 -10.47 2.98 11.83
CA THR A 185 -11.29 2.07 12.62
C THR A 185 -10.42 1.45 13.67
N VAL A 186 -10.89 1.41 14.90
CA VAL A 186 -10.10 0.88 15.99
C VAL A 186 -10.97 0.06 16.93
N PRO A 187 -10.39 -0.94 17.59
CA PRO A 187 -11.22 -1.55 18.62
C PRO A 187 -11.54 -0.49 19.68
N SER A 188 -12.82 -0.42 20.06
CA SER A 188 -13.29 0.54 21.04
C SER A 188 -12.60 0.39 22.39
N SER A 189 -12.11 -0.81 22.69
CA SER A 189 -11.44 -1.05 23.96
C SER A 189 -10.14 -0.27 24.06
N SER A 190 -9.52 -0.04 22.92
CA SER A 190 -8.21 0.61 22.87
C SER A 190 -8.29 2.12 23.06
N LEU A 191 -9.52 2.67 23.00
CA LEU A 191 -9.78 4.09 23.21
C LEU A 191 -9.39 4.61 24.60
N GLY A 192 -9.28 3.71 25.57
CA GLY A 192 -8.86 4.10 26.90
C GLY A 192 -7.36 4.13 26.99
N THR A 193 -6.72 3.11 26.42
CA THR A 193 -5.29 2.85 26.63
C THR A 193 -4.45 3.00 25.38
N GLN A 194 -4.81 3.96 24.52
CA GLN A 194 -4.01 4.23 23.33
C GLN A 194 -4.35 5.58 22.73
N THR A 195 -3.32 6.29 22.32
CA THR A 195 -3.47 7.66 21.83
C THR A 195 -3.46 7.70 20.32
N TYR A 196 -4.27 8.59 19.74
CA TYR A 196 -4.37 8.77 18.28
C TYR A 196 -4.16 10.22 17.86
N ILE A 197 -3.18 10.46 17.01
CA ILE A 197 -2.90 11.80 16.54
C ILE A 197 -2.79 11.76 15.03
N CYS A 198 -3.48 12.67 14.35
CA CYS A 198 -3.42 12.71 12.90
C CYS A 198 -2.45 13.76 12.44
N ASN A 199 -1.60 13.39 11.50
CA ASN A 199 -0.55 14.26 11.02
C ASN A 199 -0.91 14.77 9.63
N VAL A 200 -1.18 16.08 9.53
CA VAL A 200 -1.65 16.65 8.28
C VAL A 200 -0.71 17.69 7.70
N ASN A 201 -0.29 17.45 6.46
CA ASN A 201 0.62 18.38 5.80
C ASN A 201 0.01 19.00 4.53
N HIS A 202 0.16 20.30 4.42
CA HIS A 202 -0.30 21.03 3.25
C HIS A 202 0.85 21.91 2.79
N LYS A 203 1.68 21.34 1.93
CA LYS A 203 2.88 22.01 1.48
C LYS A 203 2.69 23.45 0.95
N PRO A 204 1.65 23.72 0.11
CA PRO A 204 1.62 25.08 -0.48
C PRO A 204 1.42 26.23 0.52
N SER A 205 0.94 25.94 1.73
CA SER A 205 0.78 27.00 2.74
C SER A 205 1.68 26.78 3.95
N ASN A 206 2.61 25.83 3.87
CA ASN A 206 3.45 25.44 5.01
C ASN A 206 2.60 25.10 6.23
N THR A 207 1.46 24.46 6.01
CA THR A 207 0.60 24.07 7.12
C THR A 207 0.95 22.65 7.50
N LYS A 208 1.44 22.51 8.74
CA LYS A 208 1.66 21.21 9.35
C LYS A 208 0.86 21.16 10.63
N VAL A 209 0.03 20.13 10.80
CA VAL A 209 -0.79 20.04 12.00
C VAL A 209 -0.81 18.62 12.55
N ASP A 210 -0.75 18.56 13.87
CA ASP A 210 -1.03 17.37 14.63
C ASP A 210 -2.30 17.57 15.43
N LYS A 211 -3.07 16.51 15.62
CA LYS A 211 -4.33 16.63 16.34
C LYS A 211 -4.68 15.33 17.01
N ARG A 212 -4.85 15.38 18.32
CA ARG A 212 -5.28 14.21 19.06
C ARG A 212 -6.79 14.03 18.88
N VAL A 213 -7.20 12.79 18.82
CA VAL A 213 -8.60 12.45 18.74
C VAL A 213 -8.94 11.65 19.99
N GLU A 214 -9.78 12.23 20.83
CA GLU A 214 -10.14 11.61 22.09
C GLU A 214 -11.62 11.33 22.08
N PRO A 215 -12.05 10.31 22.84
CA PRO A 215 -13.49 9.99 22.98
C PRO A 215 -14.34 11.15 23.52
N GLU B 1 -16.46 -3.78 4.37
CA GLU B 1 -17.45 -3.64 5.44
C GLU B 1 -17.17 -4.57 6.62
N VAL B 2 -16.53 -5.72 6.37
CA VAL B 2 -16.15 -6.59 7.48
C VAL B 2 -14.82 -6.17 8.07
N GLN B 3 -14.83 -5.90 9.38
CA GLN B 3 -13.61 -5.58 10.12
C GLN B 3 -13.44 -6.58 11.24
N LEU B 4 -12.22 -7.04 11.43
CA LEU B 4 -11.91 -7.87 12.59
C LEU B 4 -10.59 -7.31 13.13
N LEU B 5 -10.68 -6.56 14.23
CA LEU B 5 -9.56 -5.77 14.75
C LEU B 5 -8.99 -6.29 16.07
N GLU B 6 -7.90 -7.05 15.97
CA GLU B 6 -7.29 -7.65 17.16
C GLU B 6 -6.57 -6.62 18.03
N SER B 7 -6.19 -7.08 19.22
CA SER B 7 -5.38 -6.33 20.16
C SER B 7 -5.10 -7.23 21.36
N GLY B 8 -4.20 -6.78 22.23
CA GLY B 8 -3.83 -7.54 23.40
C GLY B 8 -2.48 -8.18 23.18
N GLY B 9 -1.93 -8.02 22.00
CA GLY B 9 -0.64 -8.59 21.70
C GLY B 9 0.46 -7.84 22.43
N GLY B 10 1.57 -8.53 22.72
CA GLY B 10 2.73 -7.92 23.37
C GLY B 10 3.69 -8.95 23.91
N LEU B 11 4.80 -8.48 24.49
CA LEU B 11 5.79 -9.34 25.17
C LEU B 11 5.22 -9.90 26.45
N VAL B 12 5.53 -11.15 26.75
CA VAL B 12 5.11 -11.74 28.00
C VAL B 12 6.04 -12.89 28.36
N GLN B 13 6.26 -13.07 29.67
CA GLN B 13 7.19 -14.06 30.19
C GLN B 13 6.49 -15.41 30.37
N PRO B 14 7.20 -16.50 30.05
CA PRO B 14 6.75 -17.89 30.20
C PRO B 14 6.10 -18.11 31.54
N GLY B 15 5.02 -18.89 31.57
CA GLY B 15 4.26 -19.05 32.79
C GLY B 15 3.39 -17.84 33.08
N GLY B 16 3.49 -16.81 32.26
CA GLY B 16 2.69 -15.62 32.42
C GLY B 16 1.40 -15.75 31.67
N SER B 17 0.67 -14.66 31.54
CA SER B 17 -0.67 -14.71 31.00
C SER B 17 -0.95 -13.49 30.13
N LEU B 18 -1.91 -13.62 29.22
CA LEU B 18 -2.24 -12.59 28.23
C LEU B 18 -3.65 -12.80 27.66
N ARG B 19 -4.43 -11.72 27.52
CA ARG B 19 -5.77 -11.84 26.96
C ARG B 19 -5.90 -11.09 25.61
N LEU B 20 -6.27 -11.83 24.57
CA LEU B 20 -6.40 -11.26 23.24
C LEU B 20 -7.82 -10.78 23.04
N SER B 21 -7.99 -9.78 22.18
CA SER B 21 -9.32 -9.28 21.84
C SER B 21 -9.44 -9.20 20.34
N CYS B 22 -10.67 -9.08 19.87
CA CYS B 22 -10.93 -8.99 18.44
C CYS B 22 -12.26 -8.31 18.18
N ALA B 23 -12.21 -7.02 17.83
CA ALA B 23 -13.41 -6.25 17.53
C ALA B 23 -13.97 -6.62 16.16
N ALA B 24 -15.26 -6.92 16.10
CA ALA B 24 -15.90 -7.19 14.82
C ALA B 24 -16.96 -6.16 14.50
N SER B 25 -17.22 -5.95 13.21
CA SER B 25 -18.32 -5.11 12.76
C SER B 25 -18.50 -5.31 11.28
N GLY B 26 -19.71 -5.09 10.80
CA GLY B 26 -20.01 -5.27 9.39
C GLY B 26 -20.95 -6.44 9.18
N PHE B 27 -20.97 -7.34 10.14
CA PHE B 27 -21.78 -8.54 10.00
C PHE B 27 -22.51 -8.83 11.32
N THR B 28 -23.61 -9.56 11.26
CA THR B 28 -24.23 -9.96 12.49
C THR B 28 -23.29 -10.94 13.15
N PHE B 29 -22.51 -10.44 14.10
CA PHE B 29 -21.50 -11.21 14.79
C PHE B 29 -22.09 -12.46 15.42
N SER B 30 -23.18 -12.28 16.17
CA SER B 30 -23.75 -13.33 16.99
C SER B 30 -24.26 -14.59 16.27
N TRP B 31 -24.31 -14.57 14.94
CA TRP B 31 -24.74 -15.76 14.20
C TRP B 31 -23.57 -16.70 13.91
N TYR B 32 -22.36 -16.15 13.99
CA TYR B 32 -21.22 -16.86 13.42
C TYR B 32 -20.37 -17.61 14.43
N VAL B 33 -19.88 -18.76 14.00
CA VAL B 33 -18.70 -19.33 14.62
C VAL B 33 -17.58 -18.30 14.52
N MET B 34 -16.82 -18.10 15.59
CA MET B 34 -15.54 -17.39 15.48
C MET B 34 -14.40 -18.34 15.84
N GLY B 35 -13.16 -17.99 15.48
CA GLY B 35 -12.01 -18.79 15.87
C GLY B 35 -10.68 -18.05 15.82
N TRP B 36 -9.65 -18.68 16.39
CA TRP B 36 -8.30 -18.13 16.36
C TRP B 36 -7.32 -19.08 15.64
N VAL B 37 -6.57 -18.55 14.69
CA VAL B 37 -5.47 -19.30 14.08
C VAL B 37 -4.13 -18.58 14.35
N ARG B 38 -3.07 -19.34 14.62
CA ARG B 38 -1.81 -18.71 15.00
C ARG B 38 -0.66 -19.06 14.07
N GLN B 39 0.23 -18.11 13.81
CA GLN B 39 1.37 -18.42 12.97
C GLN B 39 2.66 -18.02 13.65
N ALA B 40 3.48 -19.02 13.95
CA ALA B 40 4.86 -18.79 14.38
C ALA B 40 5.67 -18.26 13.19
N PRO B 41 6.50 -17.22 13.41
CA PRO B 41 7.39 -16.57 12.43
C PRO B 41 8.03 -17.57 11.49
N GLY B 42 7.90 -17.35 10.18
CA GLY B 42 8.45 -18.25 9.19
C GLY B 42 7.81 -19.63 9.11
N LYS B 43 6.85 -19.91 9.99
CA LYS B 43 6.23 -21.23 10.04
C LYS B 43 4.81 -21.18 9.50
N GLY B 44 4.08 -22.27 9.67
CA GLY B 44 2.78 -22.41 9.03
C GLY B 44 1.63 -22.11 9.97
N LEU B 45 0.41 -22.31 9.48
CA LEU B 45 -0.78 -22.01 10.25
C LEU B 45 -1.18 -23.11 11.23
N GLU B 46 -1.75 -22.69 12.36
CA GLU B 46 -2.20 -23.64 13.35
C GLU B 46 -3.49 -23.19 14.03
N TRP B 47 -4.57 -23.91 13.72
CA TRP B 47 -5.83 -23.69 14.40
C TRP B 47 -5.62 -23.85 15.86
N VAL B 48 -6.24 -22.96 16.62
CA VAL B 48 -6.03 -22.87 18.06
C VAL B 48 -7.32 -23.25 18.77
N SER B 49 -8.40 -22.55 18.41
CA SER B 49 -9.73 -22.82 18.96
C SER B 49 -10.81 -22.06 18.18
N SER B 50 -11.99 -22.64 18.13
CA SER B 50 -13.16 -21.92 17.65
C SER B 50 -14.16 -21.93 18.79
N ILE B 51 -15.37 -21.45 18.52
CA ILE B 51 -16.41 -21.31 19.55
C ILE B 51 -17.75 -21.12 18.83
N TYR B 52 -18.83 -21.63 19.41
CA TYR B 52 -20.14 -21.59 18.76
C TYR B 52 -20.81 -20.21 18.94
N PRO B 53 -21.74 -19.87 18.02
CA PRO B 53 -22.37 -18.55 17.99
C PRO B 53 -22.89 -18.05 19.34
N SER B 54 -23.44 -18.97 20.14
CA SER B 54 -24.09 -18.64 21.40
C SER B 54 -23.14 -18.71 22.58
N GLY B 55 -21.87 -19.00 22.29
CA GLY B 55 -20.85 -19.04 23.34
C GLY B 55 -20.43 -20.43 23.80
N GLY B 56 -20.70 -21.43 22.99
CA GLY B 56 -20.29 -22.78 23.30
C GLY B 56 -18.88 -23.10 22.82
N ALA B 57 -18.05 -23.53 23.77
CA ALA B 57 -16.73 -24.01 23.40
C ALA B 57 -16.54 -25.47 23.80
N THR B 58 -16.17 -26.41 22.91
CA THR B 58 -16.35 -26.60 21.44
C THR B 58 -15.23 -27.55 20.93
N ASN B 59 -13.99 -27.15 21.15
CA ASN B 59 -12.81 -27.71 20.50
C ASN B 59 -11.62 -26.80 20.75
N TYR B 60 -10.44 -27.40 20.86
CA TYR B 60 -9.18 -26.71 21.11
C TYR B 60 -8.05 -27.52 20.48
N ALA B 61 -6.98 -26.88 20.03
CA ALA B 61 -5.82 -27.64 19.62
C ALA B 61 -5.25 -28.28 20.86
N ASP B 62 -4.85 -29.53 20.71
CA ASP B 62 -4.32 -30.31 21.81
C ASP B 62 -3.26 -29.58 22.62
N SER B 63 -2.36 -28.85 21.96
CA SER B 63 -1.24 -28.23 22.66
C SER B 63 -1.65 -27.03 23.52
N VAL B 64 -2.87 -26.50 23.35
CA VAL B 64 -3.31 -25.36 24.16
C VAL B 64 -4.44 -25.72 25.10
N LYS B 65 -4.94 -26.95 25.03
CA LYS B 65 -6.07 -27.42 25.84
C LYS B 65 -5.79 -27.26 27.35
N GLY B 66 -6.76 -26.74 28.08
CA GLY B 66 -6.53 -26.39 29.47
C GLY B 66 -5.73 -25.11 29.72
N ARG B 67 -4.89 -24.70 28.77
CA ARG B 67 -4.10 -23.48 28.93
C ARG B 67 -4.78 -22.22 28.35
N PHE B 68 -5.53 -22.36 27.26
CA PHE B 68 -6.21 -21.21 26.65
C PHE B 68 -7.71 -21.29 26.88
N THR B 69 -8.37 -20.15 26.87
CA THR B 69 -9.82 -20.15 26.84
C THR B 69 -10.31 -19.26 25.71
N ILE B 70 -11.33 -19.72 25.00
CA ILE B 70 -12.01 -18.88 24.03
C ILE B 70 -13.38 -18.52 24.63
N SER B 71 -13.79 -17.27 24.45
CA SER B 71 -15.05 -16.78 24.97
C SER B 71 -15.58 -15.70 24.04
N ARG B 72 -16.82 -15.27 24.25
CA ARG B 72 -17.32 -14.21 23.38
C ARG B 72 -18.36 -13.36 24.10
N ASP B 73 -18.50 -12.14 23.64
CA ASP B 73 -19.49 -11.22 24.16
C ASP B 73 -20.23 -10.69 22.95
N ASN B 74 -21.32 -11.34 22.61
CA ASN B 74 -22.05 -10.94 21.42
C ASN B 74 -22.63 -9.53 21.55
N SER B 75 -22.88 -9.09 22.78
CA SER B 75 -23.41 -7.76 22.95
C SER B 75 -22.34 -6.76 22.50
N LYS B 76 -21.12 -6.91 23.00
CA LYS B 76 -20.02 -6.03 22.62
C LYS B 76 -19.35 -6.43 21.31
N ASN B 77 -19.91 -7.40 20.60
CA ASN B 77 -19.36 -7.84 19.31
C ASN B 77 -17.88 -8.19 19.38
N THR B 78 -17.48 -8.93 20.41
CA THR B 78 -16.07 -9.21 20.60
C THR B 78 -15.72 -10.67 20.91
N LEU B 79 -14.64 -11.13 20.28
CA LEU B 79 -14.05 -12.42 20.57
C LEU B 79 -12.79 -12.28 21.45
N TYR B 80 -12.64 -13.20 22.41
CA TYR B 80 -11.48 -13.23 23.31
C TYR B 80 -10.64 -14.52 23.23
N LEU B 81 -9.44 -14.44 23.77
CA LEU B 81 -8.60 -15.61 23.89
C LEU B 81 -7.77 -15.44 25.14
N GLN B 82 -8.16 -16.15 26.20
CA GLN B 82 -7.43 -16.06 27.47
C GLN B 82 -6.34 -17.08 27.43
N MET B 83 -5.12 -16.61 27.66
CA MET B 83 -3.95 -17.47 27.50
C MET B 83 -3.17 -17.50 28.78
N ASN B 84 -3.24 -18.62 29.49
CA ASN B 84 -2.45 -18.76 30.71
C ASN B 84 -1.39 -19.84 30.50
N SER B 85 -0.42 -19.89 31.41
CA SER B 85 0.69 -20.86 31.34
C SER B 85 1.36 -20.80 29.98
N LEU B 86 1.66 -19.58 29.53
CA LEU B 86 2.26 -19.36 28.23
C LEU B 86 3.64 -20.03 28.14
N ARG B 87 3.88 -20.69 27.01
CA ARG B 87 5.18 -21.28 26.72
C ARG B 87 5.81 -20.56 25.55
N ALA B 88 7.11 -20.76 25.36
CA ALA B 88 7.84 -20.12 24.28
C ALA B 88 7.24 -20.51 22.96
N GLU B 89 6.84 -21.77 22.86
CA GLU B 89 6.28 -22.31 21.62
C GLU B 89 4.93 -21.67 21.25
N ASP B 90 4.35 -20.89 22.16
CA ASP B 90 3.12 -20.16 21.88
C ASP B 90 3.39 -18.85 21.21
N THR B 91 4.67 -18.56 21.01
CA THR B 91 5.05 -17.36 20.30
C THR B 91 4.52 -17.47 18.87
N ALA B 92 3.63 -16.55 18.52
CA ALA B 92 3.04 -16.53 17.19
C ALA B 92 2.38 -15.19 16.91
N VAL B 93 2.13 -14.91 15.64
CA VAL B 93 1.12 -13.93 15.27
C VAL B 93 -0.23 -14.61 15.47
N TYR B 94 -1.12 -14.00 16.25
CA TYR B 94 -2.44 -14.59 16.48
C TYR B 94 -3.54 -13.91 15.64
N TYR B 95 -4.18 -14.74 14.82
CA TYR B 95 -5.22 -14.27 13.91
C TYR B 95 -6.63 -14.56 14.40
N CYS B 96 -7.49 -13.58 14.14
CA CYS B 96 -8.92 -13.68 14.37
C CYS B 96 -9.57 -14.07 13.04
N ALA B 97 -10.53 -15.00 13.04
CA ALA B 97 -11.23 -15.33 11.78
C ALA B 97 -12.67 -15.79 11.97
N ARG B 98 -13.51 -15.46 10.99
CA ARG B 98 -14.96 -15.64 11.07
C ARG B 98 -15.45 -16.91 10.38
N GLY B 99 -16.33 -17.63 11.07
CA GLY B 99 -17.02 -18.77 10.49
C GLY B 99 -16.31 -20.11 10.64
N ASN B 100 -17.09 -21.18 10.44
CA ASN B 100 -16.54 -22.51 10.36
C ASN B 100 -15.33 -22.59 9.42
N TYR B 101 -15.35 -21.83 8.32
CA TYR B 101 -14.30 -21.93 7.28
C TYR B 101 -13.29 -20.80 7.25
N PHE B 102 -13.38 -19.86 8.19
CA PHE B 102 -12.51 -18.69 8.23
C PHE B 102 -12.52 -17.92 6.90
N ASP B 103 -13.64 -17.26 6.61
CA ASP B 103 -13.77 -16.50 5.37
C ASP B 103 -13.29 -15.03 5.49
N TYR B 104 -13.08 -14.55 6.71
CA TYR B 104 -12.42 -13.26 6.94
C TYR B 104 -11.43 -13.34 8.08
N TRP B 105 -10.23 -12.88 7.81
CA TRP B 105 -9.19 -12.88 8.82
C TRP B 105 -8.91 -11.48 9.33
N GLY B 106 -8.55 -11.36 10.59
CA GLY B 106 -8.02 -10.11 11.12
C GLY B 106 -6.63 -9.89 10.56
N GLN B 107 -5.95 -8.84 11.00
CA GLN B 107 -4.61 -8.58 10.50
C GLN B 107 -3.59 -9.26 11.41
N GLY B 108 -4.07 -9.73 12.55
CA GLY B 108 -3.21 -10.44 13.49
C GLY B 108 -2.51 -9.50 14.45
N THR B 109 -2.33 -9.97 15.68
CA THR B 109 -1.49 -9.29 16.66
C THR B 109 -0.38 -10.25 17.16
N LEU B 110 0.85 -9.77 17.27
CA LEU B 110 2.00 -10.61 17.65
C LEU B 110 2.07 -10.91 19.16
N VAL B 111 2.31 -12.17 19.52
CA VAL B 111 2.55 -12.55 20.91
C VAL B 111 3.90 -13.21 21.11
N THR B 112 4.79 -12.54 21.83
CA THR B 112 6.15 -13.03 22.00
C THR B 112 6.41 -13.53 23.43
N VAL B 113 6.33 -14.86 23.60
CA VAL B 113 6.63 -15.46 24.89
C VAL B 113 8.13 -15.74 25.02
N SER B 114 8.77 -15.06 25.98
CA SER B 114 10.21 -15.15 26.14
C SER B 114 10.68 -14.50 27.42
N SER B 115 11.63 -15.16 28.10
CA SER B 115 12.15 -14.67 29.36
C SER B 115 13.05 -13.45 29.16
N ALA B 116 13.51 -13.23 27.94
CA ALA B 116 14.23 -11.99 27.63
C ALA B 116 13.38 -10.76 27.97
N SER B 117 14.07 -9.75 28.51
CA SER B 117 13.45 -8.47 28.83
C SER B 117 13.36 -7.57 27.58
N THR B 118 12.36 -6.69 27.54
CA THR B 118 12.14 -5.86 26.36
C THR B 118 13.34 -4.90 26.21
N LYS B 119 13.58 -4.38 25.00
CA LYS B 119 14.65 -3.40 24.80
C LYS B 119 14.37 -2.46 23.64
N GLY B 120 14.40 -1.16 23.95
CA GLY B 120 14.28 -0.12 22.95
C GLY B 120 15.50 -0.02 22.06
N PRO B 121 15.31 0.35 20.79
CA PRO B 121 16.37 0.43 19.79
C PRO B 121 17.25 1.68 19.92
N SER B 122 18.54 1.55 19.59
CA SER B 122 19.32 2.74 19.29
C SER B 122 19.10 3.11 17.80
N VAL B 123 18.62 4.32 17.53
CA VAL B 123 18.52 4.78 16.14
C VAL B 123 19.71 5.65 15.75
N PHE B 124 20.24 5.43 14.54
CA PHE B 124 21.31 6.24 13.97
C PHE B 124 20.96 6.67 12.55
N PRO B 125 21.35 7.89 12.15
CA PRO B 125 21.01 8.29 10.78
C PRO B 125 22.00 7.73 9.76
N LEU B 126 21.49 7.29 8.61
CA LEU B 126 22.33 6.91 7.49
C LEU B 126 22.30 8.01 6.41
N ALA B 127 23.34 8.82 6.42
CA ALA B 127 23.39 10.02 5.59
C ALA B 127 23.82 9.72 4.16
N PRO B 128 23.28 10.46 3.20
CA PRO B 128 23.75 10.35 1.82
C PRO B 128 25.09 11.04 1.61
N SER B 129 25.90 10.58 0.66
CA SER B 129 27.09 11.30 0.18
C SER B 129 26.69 12.40 -0.80
N SER B 130 25.39 12.72 -0.77
CA SER B 130 24.68 13.63 -1.69
C SER B 130 25.46 14.79 -2.27
N LYS B 131 25.30 15.03 -3.56
CA LYS B 131 24.38 14.31 -4.45
C LYS B 131 24.72 12.84 -4.76
N SER B 132 25.97 12.45 -4.52
CA SER B 132 26.48 11.14 -4.98
C SER B 132 25.79 9.95 -4.31
N GLY B 135 22.87 7.59 -9.13
CA GLY B 135 22.94 8.93 -9.71
C GLY B 135 21.64 9.68 -9.48
N GLY B 136 21.55 10.94 -9.96
CA GLY B 136 20.33 11.77 -9.92
C GLY B 136 19.56 11.84 -8.59
N THR B 137 19.40 10.68 -7.97
CA THR B 137 18.74 10.54 -6.69
C THR B 137 19.78 10.36 -5.57
N ALA B 138 19.32 10.59 -4.34
CA ALA B 138 20.12 10.30 -3.16
C ALA B 138 19.41 9.25 -2.30
N ALA B 139 20.19 8.32 -1.75
CA ALA B 139 19.66 7.37 -0.79
C ALA B 139 20.02 7.85 0.59
N LEU B 140 19.05 7.91 1.48
CA LEU B 140 19.35 8.15 2.89
C LEU B 140 18.49 7.26 3.76
N GLY B 141 18.86 7.09 5.01
CA GLY B 141 18.15 6.14 5.83
C GLY B 141 18.33 6.25 7.32
N CYS B 142 17.67 5.35 8.03
CA CYS B 142 17.80 5.22 9.46
C CYS B 142 18.17 3.79 9.77
N LEU B 143 19.07 3.62 10.73
CA LEU B 143 19.42 2.33 11.28
C LEU B 143 18.71 2.13 12.62
N VAL B 144 17.90 1.09 12.74
CA VAL B 144 17.14 0.83 13.96
C VAL B 144 17.65 -0.44 14.61
N LYS B 145 18.52 -0.24 15.61
CA LYS B 145 19.46 -1.27 16.03
C LYS B 145 19.20 -1.87 17.44
N ASP B 146 19.38 -3.19 17.53
CA ASP B 146 19.33 -3.91 18.81
C ASP B 146 18.06 -3.65 19.62
N TYR B 147 16.91 -4.11 19.11
CA TYR B 147 15.67 -4.01 19.88
C TYR B 147 15.03 -5.38 20.07
N PHE B 148 14.05 -5.41 20.96
CA PHE B 148 13.31 -6.61 21.30
C PHE B 148 12.08 -6.27 22.15
N PRO B 149 10.92 -6.85 21.82
CA PRO B 149 10.70 -7.75 20.69
C PRO B 149 10.27 -6.99 19.45
N GLU B 150 10.03 -7.71 18.35
CA GLU B 150 9.20 -7.19 17.26
C GLU B 150 7.86 -6.69 17.82
N PRO B 151 7.22 -5.72 17.14
CA PRO B 151 7.67 -5.05 15.92
C PRO B 151 8.07 -3.61 16.16
N VAL B 152 8.72 -3.07 15.13
CA VAL B 152 9.04 -1.66 15.06
C VAL B 152 8.38 -1.08 13.81
N THR B 153 7.93 0.17 13.88
CA THR B 153 7.52 0.86 12.65
C THR B 153 8.41 2.07 12.44
N VAL B 154 8.80 2.25 11.18
CA VAL B 154 9.58 3.41 10.75
C VAL B 154 8.90 4.10 9.59
N SER B 155 8.58 5.37 9.76
CA SER B 155 8.06 6.20 8.67
C SER B 155 8.94 7.42 8.48
N TRP B 156 8.57 8.29 7.54
CA TRP B 156 9.36 9.47 7.26
C TRP B 156 8.56 10.75 7.21
N ASN B 157 9.14 11.81 7.76
CA ASN B 157 8.49 13.13 7.89
C ASN B 157 7.09 12.95 8.47
N SER B 158 7.09 12.20 9.56
CA SER B 158 5.92 11.81 10.34
C SER B 158 4.74 11.37 9.48
N GLY B 159 5.06 10.71 8.36
CA GLY B 159 4.04 10.09 7.53
C GLY B 159 3.81 10.76 6.18
N ALA B 160 4.25 12.02 6.08
CA ALA B 160 4.03 12.87 4.92
C ALA B 160 4.82 12.48 3.67
N LEU B 161 5.79 11.58 3.85
CA LEU B 161 6.65 11.14 2.75
C LEU B 161 6.58 9.61 2.62
N THR B 162 6.06 9.15 1.49
CA THR B 162 5.81 7.71 1.29
C THR B 162 6.30 7.19 -0.05
N SER B 163 6.52 8.10 -1.00
CA SER B 163 7.14 7.76 -2.27
C SER B 163 8.61 7.45 -2.03
N GLY B 164 9.03 6.26 -2.41
CA GLY B 164 10.44 5.89 -2.37
C GLY B 164 10.92 5.40 -1.02
N VAL B 165 9.99 5.11 -0.11
CA VAL B 165 10.34 4.58 1.22
C VAL B 165 10.45 3.04 1.25
N HIS B 166 11.64 2.55 1.56
CA HIS B 166 11.82 1.11 1.69
C HIS B 166 12.34 0.72 3.05
N THR B 167 11.44 0.37 3.99
CA THR B 167 11.84 -0.19 5.29
C THR B 167 12.07 -1.71 5.20
N PHE B 168 13.24 -2.18 5.62
CA PHE B 168 13.57 -3.59 5.34
C PHE B 168 13.12 -4.55 6.45
N PRO B 169 12.78 -5.79 6.08
CA PRO B 169 12.57 -6.79 7.14
C PRO B 169 13.84 -6.96 7.99
N ALA B 170 13.65 -6.82 9.30
CA ALA B 170 14.70 -6.96 10.31
C ALA B 170 15.51 -8.28 10.33
N VAL B 171 16.63 -8.23 11.05
CA VAL B 171 17.53 -9.36 11.25
C VAL B 171 17.46 -9.86 12.67
N LEU B 172 17.30 -11.16 12.84
CA LEU B 172 17.44 -11.72 14.16
C LEU B 172 18.92 -11.94 14.38
N GLN B 173 19.44 -11.31 15.41
CA GLN B 173 20.86 -11.39 15.68
C GLN B 173 21.19 -12.42 16.75
N SER B 174 22.39 -13.00 16.65
CA SER B 174 22.84 -14.03 17.57
C SER B 174 22.65 -13.61 19.02
N SER B 175 22.84 -12.33 19.28
CA SER B 175 22.54 -11.72 20.56
C SER B 175 21.09 -11.93 20.99
N GLY B 176 20.23 -12.30 20.05
CA GLY B 176 18.80 -12.36 20.32
C GLY B 176 18.03 -11.07 20.06
N LEU B 177 18.70 -9.93 20.03
CA LEU B 177 18.03 -8.67 19.69
C LEU B 177 17.70 -8.59 18.19
N TYR B 178 16.80 -7.68 17.81
CA TYR B 178 16.55 -7.44 16.41
C TYR B 178 17.18 -6.13 15.97
N SER B 179 17.54 -6.03 14.70
CA SER B 179 17.86 -4.74 14.08
C SER B 179 17.17 -4.56 12.73
N LEU B 180 16.89 -3.33 12.34
CA LEU B 180 16.46 -3.11 10.96
C LEU B 180 16.90 -1.77 10.41
N SER B 181 16.53 -1.54 9.15
CA SER B 181 16.84 -0.32 8.45
C SER B 181 15.72 0.08 7.54
N SER B 182 15.52 1.38 7.45
CA SER B 182 14.58 1.94 6.50
C SER B 182 15.31 2.92 5.65
N VAL B 183 15.05 2.89 4.35
CA VAL B 183 15.74 3.80 3.43
C VAL B 183 14.71 4.60 2.66
N VAL B 184 15.10 5.77 2.19
CA VAL B 184 14.26 6.51 1.26
C VAL B 184 15.13 7.23 0.23
N THR B 185 14.67 7.12 -1.00
CA THR B 185 15.35 7.65 -2.17
C THR B 185 14.68 8.95 -2.54
N VAL B 186 15.49 9.98 -2.76
CA VAL B 186 14.95 11.30 -3.02
C VAL B 186 15.77 11.97 -4.10
N PRO B 187 15.21 12.96 -4.76
CA PRO B 187 16.10 13.62 -5.73
C PRO B 187 17.23 14.31 -4.97
N SER B 188 18.44 14.25 -5.50
CA SER B 188 19.59 14.82 -4.83
C SER B 188 19.50 16.33 -4.70
N SER B 189 18.78 16.96 -5.63
CA SER B 189 18.62 18.40 -5.59
C SER B 189 17.95 18.82 -4.29
N SER B 190 16.93 18.08 -3.87
CA SER B 190 16.15 18.39 -2.68
C SER B 190 16.88 18.41 -1.32
N LEU B 191 18.17 18.04 -1.30
CA LEU B 191 18.86 17.79 -0.02
C LEU B 191 19.47 19.04 0.62
N GLY B 192 19.22 20.20 0.03
CA GLY B 192 19.66 21.43 0.65
C GLY B 192 18.47 22.15 1.22
N THR B 193 17.29 21.77 0.75
CA THR B 193 16.08 22.55 1.00
C THR B 193 14.87 21.66 1.26
N GLN B 194 15.02 20.73 2.21
CA GLN B 194 13.95 19.85 2.70
C GLN B 194 14.49 18.97 3.80
N THR B 195 13.86 19.01 4.96
CA THR B 195 14.37 18.22 6.07
C THR B 195 13.83 16.81 5.92
N TYR B 196 14.56 15.86 6.47
CA TYR B 196 14.18 14.45 6.44
C TYR B 196 14.26 13.86 7.83
N ILE B 197 13.11 13.52 8.36
CA ILE B 197 13.09 12.88 9.67
C ILE B 197 12.57 11.47 9.58
N CYS B 198 13.32 10.63 10.25
CA CYS B 198 13.09 9.22 10.52
C CYS B 198 12.22 9.00 11.77
N ASN B 199 10.97 8.56 11.58
CA ASN B 199 10.04 8.31 12.70
C ASN B 199 10.07 6.85 13.12
N VAL B 200 10.79 6.59 14.20
CA VAL B 200 10.90 5.25 14.72
C VAL B 200 9.94 5.04 15.87
N ASN B 201 9.11 4.01 15.76
CA ASN B 201 8.21 3.68 16.82
C ASN B 201 8.41 2.25 17.31
N HIS B 202 8.66 2.11 18.59
CA HIS B 202 8.80 0.78 19.15
C HIS B 202 7.90 0.66 20.37
N LYS B 203 6.68 0.18 20.16
CA LYS B 203 5.67 0.21 21.22
C LYS B 203 6.05 -0.65 22.43
N PRO B 204 6.53 -1.91 22.24
CA PRO B 204 6.88 -2.72 23.42
C PRO B 204 7.69 -2.00 24.50
N SER B 205 8.56 -1.07 24.13
CA SER B 205 9.39 -0.37 25.10
C SER B 205 9.00 1.10 25.29
N ASN B 206 7.87 1.49 24.74
CA ASN B 206 7.47 2.90 24.75
C ASN B 206 8.59 3.81 24.30
N THR B 207 9.34 3.39 23.29
CA THR B 207 10.38 4.25 22.77
C THR B 207 9.88 4.79 21.45
N LYS B 208 10.01 6.09 21.28
CA LYS B 208 9.52 6.75 20.09
C LYS B 208 10.46 7.83 19.64
N VAL B 209 11.38 7.51 18.72
CA VAL B 209 12.47 8.44 18.33
C VAL B 209 12.25 9.09 16.95
N ASP B 210 12.62 10.35 16.82
CA ASP B 210 12.60 11.01 15.52
C ASP B 210 13.95 11.67 15.23
N LYS B 211 14.79 11.03 14.42
CA LYS B 211 16.10 11.55 14.06
C LYS B 211 16.12 12.27 12.70
N ARG B 212 16.70 13.45 12.69
CA ARG B 212 16.92 14.17 11.45
C ARG B 212 18.12 13.54 10.73
N VAL B 213 18.01 13.41 9.42
CA VAL B 213 19.09 12.82 8.63
C VAL B 213 19.64 13.85 7.64
N GLU B 214 20.72 14.53 8.03
CA GLU B 214 21.44 15.48 7.17
C GLU B 214 22.57 14.78 6.42
N PRO B 215 22.94 15.32 5.25
CA PRO B 215 24.10 14.80 4.51
C PRO B 215 25.36 14.82 5.37
N LYS B 216 26.31 13.90 5.16
CA LYS B 216 27.53 13.87 5.96
C LYS B 216 28.56 14.88 5.46
N GLN C 1 -6.07 19.15 -35.12
CA GLN C 1 -5.21 18.01 -34.80
C GLN C 1 -5.96 16.68 -34.86
N SER C 2 -5.24 15.61 -35.17
CA SER C 2 -5.78 14.26 -35.21
C SER C 2 -6.39 13.82 -33.89
N VAL C 3 -7.37 12.93 -33.97
CA VAL C 3 -7.96 12.35 -32.77
C VAL C 3 -7.69 10.84 -32.68
N LEU C 4 -7.58 10.33 -31.46
CA LEU C 4 -7.68 8.89 -31.21
C LEU C 4 -8.94 8.62 -30.38
N THR C 5 -9.94 7.96 -30.96
CA THR C 5 -11.14 7.64 -30.20
C THR C 5 -11.15 6.20 -29.66
N GLN C 6 -11.57 6.05 -28.41
CA GLN C 6 -11.77 4.75 -27.76
C GLN C 6 -13.20 4.67 -27.21
N PRO C 7 -13.75 3.46 -27.06
CA PRO C 7 -15.03 3.37 -26.36
C PRO C 7 -14.86 3.87 -24.94
N PRO C 8 -15.79 4.70 -24.46
CA PRO C 8 -15.64 5.34 -23.15
C PRO C 8 -15.79 4.34 -22.02
N SER C 9 -16.44 3.23 -22.33
CA SER C 9 -16.58 2.18 -21.36
C SER C 9 -16.75 0.80 -22.01
N VAL C 10 -16.22 -0.22 -21.33
CA VAL C 10 -16.30 -1.60 -21.77
C VAL C 10 -16.62 -2.47 -20.54
N SER C 11 -17.53 -3.43 -20.71
CA SER C 11 -17.93 -4.39 -19.68
C SER C 11 -17.64 -5.83 -20.13
N VAL C 12 -17.09 -6.64 -19.23
CA VAL C 12 -16.76 -8.03 -19.55
C VAL C 12 -17.09 -8.93 -18.35
N SER C 13 -17.63 -10.10 -18.61
CA SER C 13 -17.88 -11.05 -17.53
C SER C 13 -16.57 -11.67 -17.11
N PRO C 14 -16.47 -12.12 -15.84
CA PRO C 14 -15.21 -12.65 -15.32
C PRO C 14 -14.75 -13.90 -16.08
N GLY C 15 -13.46 -13.95 -16.43
CA GLY C 15 -12.86 -15.12 -17.06
C GLY C 15 -12.83 -15.03 -18.57
N GLN C 16 -13.75 -14.21 -19.11
CA GLN C 16 -13.80 -13.86 -20.52
C GLN C 16 -12.66 -12.94 -20.96
N THR C 17 -12.55 -12.73 -22.26
CA THR C 17 -11.51 -11.91 -22.83
C THR C 17 -11.98 -10.50 -23.18
N ALA C 18 -11.52 -9.52 -22.40
CA ALA C 18 -11.80 -8.12 -22.69
C ALA C 18 -11.24 -7.73 -24.06
N SER C 19 -11.98 -6.91 -24.82
CA SER C 19 -11.46 -6.30 -26.05
C SER C 19 -11.66 -4.78 -26.11
N ILE C 20 -10.55 -4.06 -26.21
CA ILE C 20 -10.57 -2.61 -26.18
C ILE C 20 -9.96 -2.07 -27.46
N THR C 21 -10.76 -1.27 -28.16
CA THR C 21 -10.40 -0.79 -29.47
C THR C 21 -10.04 0.68 -29.49
N CYS C 22 -9.24 0.99 -30.49
CA CYS C 22 -8.67 2.28 -30.67
C CYS C 22 -8.73 2.51 -32.15
N SER C 23 -9.20 3.66 -32.55
CA SER C 23 -9.19 3.98 -33.96
C SER C 23 -8.99 5.45 -34.16
N GLY C 24 -8.44 5.79 -35.31
CA GLY C 24 -8.29 7.16 -35.71
C GLY C 24 -7.94 7.14 -37.16
N GLU C 25 -7.64 8.30 -37.72
CA GLU C 25 -7.13 8.35 -39.07
C GLU C 25 -5.75 7.70 -39.06
N LYS C 26 -5.50 6.83 -40.04
CA LYS C 26 -4.16 6.29 -40.32
C LYS C 26 -3.52 5.37 -39.24
N LEU C 27 -4.29 4.77 -38.33
CA LEU C 27 -3.69 3.99 -37.23
C LEU C 27 -2.89 2.77 -37.67
N GLY C 28 -3.27 2.17 -38.80
CA GLY C 28 -2.54 1.06 -39.36
C GLY C 28 -1.18 1.46 -39.95
N ASP C 29 -0.98 2.73 -40.27
CA ASP C 29 0.33 3.20 -40.68
C ASP C 29 1.16 3.70 -39.51
N GLU C 30 0.80 3.27 -38.30
CA GLU C 30 1.42 3.79 -37.08
C GLU C 30 1.64 2.65 -36.11
N TYR C 31 2.34 2.95 -35.02
CA TYR C 31 2.44 2.02 -33.90
C TYR C 31 1.50 2.42 -32.79
N ALA C 32 0.79 1.42 -32.27
CA ALA C 32 -0.11 1.61 -31.15
C ALA C 32 0.54 1.11 -29.88
N SER C 33 0.34 1.86 -28.79
CA SER C 33 0.65 1.36 -27.46
C SER C 33 -0.55 1.49 -26.55
N TRP C 34 -0.45 0.88 -25.37
CA TRP C 34 -1.52 0.86 -24.41
C TRP C 34 -1.02 0.94 -22.98
N TYR C 35 -1.81 1.62 -22.16
CA TYR C 35 -1.48 1.87 -20.77
C TYR C 35 -2.63 1.51 -19.88
N GLN C 36 -2.30 0.90 -18.75
CA GLN C 36 -3.25 0.60 -17.70
C GLN C 36 -3.08 1.61 -16.56
N GLN C 37 -4.15 2.32 -16.24
CA GLN C 37 -4.10 3.23 -15.10
C GLN C 37 -5.16 2.87 -14.08
N LYS C 38 -4.70 2.54 -12.88
CA LYS C 38 -5.60 2.26 -11.78
C LYS C 38 -5.86 3.53 -10.97
N PRO C 39 -6.96 3.55 -10.19
CA PRO C 39 -7.30 4.75 -9.42
C PRO C 39 -6.16 5.15 -8.48
N GLY C 40 -5.81 6.42 -8.49
CA GLY C 40 -4.78 6.94 -7.63
C GLY C 40 -3.39 6.51 -8.07
N GLN C 41 -3.28 5.95 -9.27
CA GLN C 41 -2.03 5.32 -9.67
C GLN C 41 -1.41 5.97 -10.92
N SER C 42 -0.11 5.81 -11.11
CA SER C 42 0.51 6.24 -12.36
C SER C 42 0.15 5.20 -13.42
N PRO C 43 0.06 5.61 -14.70
CA PRO C 43 -0.10 4.65 -15.80
C PRO C 43 1.01 3.60 -15.87
N VAL C 44 0.66 2.46 -16.46
CA VAL C 44 1.60 1.39 -16.68
C VAL C 44 1.51 0.86 -18.11
N LEU C 45 2.64 0.83 -18.80
CA LEU C 45 2.69 0.39 -20.18
C LEU C 45 2.38 -1.10 -20.28
N VAL C 46 1.38 -1.49 -21.06
CA VAL C 46 1.09 -2.91 -21.12
C VAL C 46 1.43 -3.52 -22.45
N ILE C 47 1.36 -2.72 -23.52
CA ILE C 47 1.70 -3.14 -24.89
C ILE C 47 2.33 -1.97 -25.65
N TYR C 48 3.40 -2.22 -26.40
CA TYR C 48 4.00 -1.19 -27.24
C TYR C 48 4.32 -1.74 -28.62
N GLN C 49 4.44 -0.84 -29.61
CA GLN C 49 4.65 -1.22 -31.02
C GLN C 49 3.62 -2.26 -31.50
N ASP C 50 2.35 -1.90 -31.31
CA ASP C 50 1.18 -2.72 -31.68
C ASP C 50 0.93 -3.93 -30.81
N ASN C 51 1.97 -4.72 -30.56
CA ASN C 51 1.78 -6.06 -30.00
C ASN C 51 2.95 -6.65 -29.22
N LYS C 52 3.80 -5.81 -28.64
CA LYS C 52 4.87 -6.32 -27.78
C LYS C 52 4.59 -6.00 -26.30
N ARG C 53 4.92 -6.74 -25.36
CA ARG C 53 4.65 -6.68 -23.95
C ARG C 53 5.93 -6.23 -23.29
N PRO C 54 6.18 -5.47 -22.52
CA PRO C 54 7.41 -5.28 -21.75
C PRO C 54 7.68 -6.51 -20.89
N SER C 55 8.94 -6.70 -20.49
CA SER C 55 9.21 -7.80 -19.56
C SER C 55 8.40 -7.44 -18.33
N GLY C 56 7.74 -8.42 -17.75
CA GLY C 56 6.95 -8.15 -16.56
C GLY C 56 5.45 -8.12 -16.86
N ILE C 57 5.09 -7.84 -18.10
CA ILE C 57 3.67 -7.86 -18.45
C ILE C 57 3.21 -9.25 -18.93
N PRO C 58 2.18 -9.79 -18.28
CA PRO C 58 1.63 -11.13 -18.55
C PRO C 58 1.12 -11.32 -20.00
N GLU C 59 1.17 -12.56 -20.46
CA GLU C 59 0.83 -12.89 -21.84
C GLU C 59 -0.65 -12.75 -22.10
N ARG C 60 -1.48 -12.66 -21.05
CA ARG C 60 -2.91 -12.52 -21.30
C ARG C 60 -3.25 -11.13 -21.82
N PHE C 61 -2.26 -10.23 -21.80
CA PHE C 61 -2.32 -8.98 -22.54
C PHE C 61 -1.83 -9.13 -23.98
N SER C 62 -2.67 -8.76 -24.93
CA SER C 62 -2.31 -8.80 -26.35
C SER C 62 -2.74 -7.53 -27.05
N GLY C 63 -2.04 -7.21 -28.12
CA GLY C 63 -2.40 -6.05 -28.91
C GLY C 63 -2.31 -6.44 -30.35
N SER C 64 -3.11 -5.80 -31.20
CA SER C 64 -3.06 -6.05 -32.63
C SER C 64 -3.28 -4.73 -33.36
N ASN C 65 -2.93 -4.69 -34.63
CA ASN C 65 -3.15 -3.50 -35.46
C ASN C 65 -3.50 -3.85 -36.93
N SER C 66 -4.77 -3.67 -37.30
CA SER C 66 -5.23 -3.87 -38.67
C SER C 66 -6.23 -2.78 -38.99
N GLY C 67 -6.82 -2.81 -40.19
CA GLY C 67 -7.79 -1.79 -40.57
C GLY C 67 -7.16 -0.44 -40.27
N ASN C 68 -7.95 0.49 -39.75
CA ASN C 68 -7.34 1.68 -39.16
C ASN C 68 -7.44 1.54 -37.65
N THR C 69 -7.37 0.29 -37.17
CA THR C 69 -7.71 -0.03 -35.76
C THR C 69 -6.69 -0.83 -34.95
N ALA C 70 -6.30 -0.29 -33.80
CA ALA C 70 -5.55 -1.08 -32.84
C ALA C 70 -6.51 -1.71 -31.83
N THR C 71 -6.17 -2.87 -31.30
CA THR C 71 -7.07 -3.53 -30.37
C THR C 71 -6.33 -4.20 -29.22
N LEU C 72 -6.77 -3.90 -28.01
CA LEU C 72 -6.16 -4.47 -26.81
C LEU C 72 -7.09 -5.53 -26.29
N THR C 73 -6.49 -6.65 -25.95
CA THR C 73 -7.20 -7.85 -25.64
C THR C 73 -6.67 -8.35 -24.30
N ILE C 74 -7.55 -8.72 -23.37
CA ILE C 74 -7.12 -9.20 -22.06
C ILE C 74 -7.84 -10.51 -21.74
N SER C 75 -7.09 -11.60 -21.61
CA SER C 75 -7.77 -12.86 -21.35
C SER C 75 -7.75 -13.18 -19.86
N GLY C 76 -8.63 -14.07 -19.42
CA GLY C 76 -8.75 -14.42 -18.02
C GLY C 76 -9.05 -13.18 -17.19
N THR C 77 -9.97 -12.35 -17.66
CA THR C 77 -10.25 -11.09 -16.98
C THR C 77 -10.82 -11.38 -15.59
N GLN C 78 -10.36 -10.61 -14.60
CA GLN C 78 -10.93 -10.60 -13.26
C GLN C 78 -11.07 -9.16 -12.81
N ALA C 79 -11.66 -8.97 -11.63
CA ALA C 79 -11.97 -7.64 -11.14
C ALA C 79 -10.72 -6.79 -10.86
N MET C 80 -9.59 -7.42 -10.58
CA MET C 80 -8.39 -6.65 -10.33
C MET C 80 -7.85 -6.10 -11.65
N ASP C 81 -8.50 -6.44 -12.76
CA ASP C 81 -8.13 -5.79 -14.00
C ASP C 81 -8.98 -4.53 -14.26
N GLU C 82 -9.87 -4.19 -13.33
CA GLU C 82 -10.65 -2.97 -13.57
C GLU C 82 -9.67 -1.77 -13.54
N ALA C 83 -9.81 -0.89 -14.53
CA ALA C 83 -8.86 0.20 -14.72
C ALA C 83 -9.26 1.06 -15.91
N ASP C 84 -8.62 2.23 -16.01
CA ASP C 84 -8.70 2.99 -17.26
C ASP C 84 -7.63 2.50 -18.23
N TYR C 85 -8.01 2.39 -19.50
CA TYR C 85 -7.08 1.91 -20.49
C TYR C 85 -6.96 2.92 -21.64
N TYR C 86 -5.73 3.34 -21.87
CA TYR C 86 -5.44 4.35 -22.86
C TYR C 86 -4.66 3.75 -24.05
N CYS C 87 -5.16 3.95 -25.27
CA CYS C 87 -4.32 3.70 -26.44
C CYS C 87 -3.41 4.92 -26.72
N GLN C 88 -2.41 4.73 -27.53
CA GLN C 88 -1.47 5.77 -27.84
C GLN C 88 -0.77 5.50 -29.15
N ALA C 89 -0.54 6.54 -29.90
CA ALA C 89 0.12 6.40 -31.18
C ALA C 89 1.13 7.43 -31.52
N TRP C 90 2.29 7.03 -32.00
CA TRP C 90 3.26 7.99 -32.49
C TRP C 90 3.39 7.81 -34.01
N ASP C 91 4.49 8.29 -34.54
CA ASP C 91 4.85 8.15 -35.96
C ASP C 91 5.95 9.11 -36.35
N SER C 92 5.68 10.33 -36.80
CA SER C 92 4.45 11.08 -37.09
C SER C 92 5.11 12.39 -36.79
N SER C 93 4.96 12.85 -35.57
CA SER C 93 5.56 14.05 -35.04
C SER C 93 5.02 14.19 -33.61
N THR C 94 3.69 14.21 -33.51
CA THR C 94 3.01 14.30 -32.26
C THR C 94 2.80 12.93 -31.66
N LEU C 95 2.34 12.94 -30.43
CA LEU C 95 2.04 11.74 -29.70
C LEU C 95 0.61 11.90 -29.35
N LEU C 96 -0.23 11.00 -29.84
CA LEU C 96 -1.67 11.07 -29.63
C LEU C 96 -2.11 10.05 -28.60
N PHE C 97 -2.92 10.48 -27.64
CA PHE C 97 -3.59 9.51 -26.78
C PHE C 97 -5.06 9.41 -27.18
N GLY C 98 -5.67 8.30 -26.81
CA GLY C 98 -7.11 8.17 -26.83
C GLY C 98 -7.69 8.66 -25.51
N GLY C 99 -8.99 8.98 -25.53
CA GLY C 99 -9.69 9.48 -24.37
C GLY C 99 -9.76 8.52 -23.18
N GLY C 100 -9.46 7.24 -23.42
CA GLY C 100 -9.48 6.20 -22.39
C GLY C 100 -10.76 5.38 -22.32
N THR C 101 -10.58 4.10 -22.03
CA THR C 101 -11.71 3.20 -21.90
C THR C 101 -11.81 2.68 -20.48
N LYS C 102 -12.96 2.87 -19.83
CA LYS C 102 -13.15 2.32 -18.47
C LYS C 102 -13.60 0.87 -18.50
N LEU C 103 -12.85 -0.03 -17.85
CA LEU C 103 -13.14 -1.48 -17.93
C LEU C 103 -13.90 -2.02 -16.72
N THR C 104 -15.21 -2.18 -16.92
CA THR C 104 -16.06 -2.81 -15.93
C THR C 104 -16.04 -4.33 -16.02
N VAL C 105 -15.69 -4.97 -14.91
CA VAL C 105 -15.78 -6.42 -14.80
C VAL C 105 -17.01 -6.83 -14.02
N LEU C 106 -17.98 -7.47 -14.68
CA LEU C 106 -19.26 -7.82 -14.09
C LEU C 106 -19.13 -8.89 -13.00
N GLY C 107 -20.20 -9.14 -12.27
CA GLY C 107 -20.22 -10.20 -11.28
C GLY C 107 -19.57 -9.87 -9.93
N GLN C 108 -19.43 -8.58 -9.63
CA GLN C 108 -18.96 -8.25 -8.30
C GLN C 108 -20.14 -8.06 -7.35
N PRO C 109 -20.03 -8.61 -6.15
CA PRO C 109 -21.14 -8.66 -5.20
C PRO C 109 -21.59 -7.28 -4.80
N LYS C 110 -22.89 -7.09 -4.63
CA LYS C 110 -23.39 -5.82 -4.12
C LYS C 110 -22.86 -5.67 -2.72
N ALA C 111 -22.48 -4.44 -2.36
CA ALA C 111 -21.95 -4.18 -1.03
C ALA C 111 -22.55 -2.89 -0.52
N ALA C 112 -23.12 -2.94 0.68
CA ALA C 112 -23.75 -1.78 1.29
C ALA C 112 -22.69 -0.85 1.91
N PRO C 113 -22.95 0.47 1.88
CA PRO C 113 -22.06 1.47 2.51
C PRO C 113 -21.91 1.30 4.03
N SER C 114 -20.69 1.46 4.53
CA SER C 114 -20.47 1.79 5.92
C SER C 114 -20.61 3.29 6.03
N VAL C 115 -21.50 3.77 6.86
CA VAL C 115 -21.63 5.20 7.01
C VAL C 115 -21.21 5.62 8.39
N THR C 116 -20.58 6.79 8.43
CA THR C 116 -20.18 7.37 9.68
C THR C 116 -20.47 8.86 9.64
N LEU C 117 -21.31 9.29 10.56
CA LEU C 117 -21.65 10.69 10.73
C LEU C 117 -20.92 11.25 11.93
N PHE C 118 -20.37 12.46 11.77
CA PHE C 118 -19.62 13.08 12.85
C PHE C 118 -20.18 14.43 13.25
N PRO C 119 -20.28 14.68 14.56
CA PRO C 119 -20.61 16.01 15.06
C PRO C 119 -19.42 16.96 14.87
N PRO C 120 -19.67 18.28 14.92
CA PRO C 120 -18.56 19.24 14.91
C PRO C 120 -17.66 19.03 16.13
N SER C 121 -16.38 19.32 15.99
CA SER C 121 -15.50 19.24 17.14
C SER C 121 -15.80 20.41 18.06
N SER C 122 -15.49 20.26 19.34
CA SER C 122 -15.58 21.38 20.26
C SER C 122 -14.73 22.54 19.76
N GLU C 123 -13.59 22.22 19.16
CA GLU C 123 -12.65 23.26 18.76
C GLU C 123 -13.24 24.15 17.67
N GLU C 124 -13.83 23.53 16.65
CA GLU C 124 -14.44 24.29 15.58
C GLU C 124 -15.51 25.20 16.16
N LEU C 125 -16.27 24.68 17.14
CA LEU C 125 -17.38 25.43 17.72
C LEU C 125 -16.87 26.68 18.46
N GLN C 126 -15.76 26.54 19.20
CA GLN C 126 -15.09 27.69 19.79
C GLN C 126 -14.58 28.64 18.73
N ALA C 127 -14.25 28.10 17.56
CA ALA C 127 -13.81 28.94 16.44
C ALA C 127 -15.01 29.51 15.68
N ASN C 128 -16.18 29.34 16.29
CA ASN C 128 -17.44 29.89 15.79
C ASN C 128 -17.85 29.40 14.39
N LYS C 129 -17.52 28.15 14.07
CA LYS C 129 -18.20 27.45 12.97
C LYS C 129 -18.54 26.00 13.38
N ALA C 130 -19.18 25.29 12.47
CA ALA C 130 -19.65 23.93 12.67
C ALA C 130 -19.64 23.20 11.34
N THR C 131 -19.20 21.95 11.34
CA THR C 131 -19.15 21.17 10.10
C THR C 131 -19.56 19.74 10.41
N LEU C 132 -20.56 19.26 9.68
CA LEU C 132 -20.97 17.87 9.82
C LEU C 132 -20.39 17.09 8.66
N VAL C 133 -19.94 15.89 9.00
CA VAL C 133 -19.17 15.06 8.10
C VAL C 133 -19.81 13.72 8.05
N CYS C 134 -20.20 13.33 6.83
CA CYS C 134 -20.79 12.03 6.55
C CYS C 134 -19.87 11.27 5.61
N LEU C 135 -19.28 10.20 6.12
CA LEU C 135 -18.34 9.40 5.37
C LEU C 135 -19.00 8.11 4.89
N ILE C 136 -18.96 7.90 3.58
CA ILE C 136 -19.63 6.77 2.94
C ILE C 136 -18.61 5.87 2.21
N SER C 137 -18.36 4.68 2.74
CA SER C 137 -17.32 3.84 2.16
C SER C 137 -17.74 2.39 1.86
N ASP C 138 -16.91 1.74 1.04
CA ASP C 138 -17.07 0.34 0.69
C ASP C 138 -18.40 -0.04 0.04
N PHE C 139 -18.88 0.78 -0.87
CA PHE C 139 -20.12 0.41 -1.50
C PHE C 139 -19.99 0.08 -2.99
N TYR C 140 -20.87 -0.80 -3.45
CA TYR C 140 -20.85 -1.24 -4.82
C TYR C 140 -22.25 -1.68 -5.27
N PRO C 141 -22.72 -1.16 -6.43
CA PRO C 141 -22.07 -0.23 -7.39
C PRO C 141 -21.87 1.21 -6.86
N GLY C 142 -21.19 2.03 -7.67
CA GLY C 142 -20.80 3.38 -7.27
C GLY C 142 -21.83 4.47 -7.50
N ALA C 143 -23.02 4.30 -6.92
CA ALA C 143 -24.02 5.35 -6.95
C ALA C 143 -24.62 5.45 -5.56
N VAL C 144 -24.65 6.67 -5.03
CA VAL C 144 -25.28 6.94 -3.76
C VAL C 144 -26.09 8.21 -3.89
N THR C 145 -27.21 8.25 -3.19
CA THR C 145 -27.88 9.53 -2.98
C THR C 145 -27.83 9.83 -1.48
N VAL C 146 -27.49 11.07 -1.19
CA VAL C 146 -27.22 11.50 0.16
C VAL C 146 -28.14 12.64 0.55
N ALA C 147 -28.94 12.44 1.60
CA ALA C 147 -29.83 13.49 2.08
C ALA C 147 -29.52 13.84 3.52
N TRP C 148 -29.74 15.09 3.89
CA TRP C 148 -29.51 15.55 5.27
C TRP C 148 -30.79 16.01 5.95
N LYS C 149 -30.90 15.71 7.23
CA LYS C 149 -32.05 16.17 7.98
C LYS C 149 -31.64 16.92 9.24
N ALA C 150 -32.34 18.02 9.47
CA ALA C 150 -32.27 18.70 10.75
C ALA C 150 -33.55 18.29 11.51
N ASP C 151 -33.40 17.66 12.67
CA ASP C 151 -34.51 16.91 13.24
C ASP C 151 -35.08 16.01 12.13
N SER C 152 -36.37 16.17 11.83
CA SER C 152 -37.01 15.37 10.78
C SER C 152 -37.15 16.11 9.44
N SER C 153 -36.58 17.32 9.35
CA SER C 153 -36.72 18.13 8.14
C SER C 153 -35.46 18.12 7.28
N PRO C 154 -35.65 18.08 5.95
CA PRO C 154 -34.57 18.13 4.94
C PRO C 154 -33.77 19.44 4.94
N VAL C 155 -32.46 19.34 4.70
CA VAL C 155 -31.63 20.54 4.66
C VAL C 155 -31.34 20.89 3.22
N LYS C 156 -31.69 22.10 2.80
CA LYS C 156 -31.63 22.38 1.37
C LYS C 156 -30.51 23.32 0.96
N ALA C 157 -29.64 23.67 1.90
CA ALA C 157 -28.44 24.47 1.60
C ALA C 157 -27.29 24.09 2.52
N GLY C 158 -26.08 24.41 2.11
CA GLY C 158 -24.92 24.14 2.94
C GLY C 158 -24.41 22.71 2.80
N VAL C 159 -24.97 21.98 1.83
CA VAL C 159 -24.52 20.63 1.61
C VAL C 159 -23.51 20.58 0.47
N GLU C 160 -22.37 19.95 0.75
CA GLU C 160 -21.32 19.69 -0.22
C GLU C 160 -21.06 18.19 -0.32
N THR C 161 -21.31 17.61 -1.49
CA THR C 161 -21.14 16.19 -1.67
C THR C 161 -20.18 15.83 -2.81
N THR C 162 -19.24 14.94 -2.54
CA THR C 162 -18.41 14.39 -3.61
C THR C 162 -19.21 13.44 -4.51
N LYS C 163 -18.71 13.24 -5.72
CA LYS C 163 -19.19 12.13 -6.54
C LYS C 163 -18.51 10.88 -6.01
N PRO C 164 -18.98 9.71 -6.41
CA PRO C 164 -18.30 8.50 -5.92
C PRO C 164 -16.98 8.24 -6.65
N SER C 165 -16.00 7.66 -5.95
CA SER C 165 -14.69 7.39 -6.55
C SER C 165 -14.23 6.00 -6.16
N LYS C 166 -13.66 5.31 -7.15
CA LYS C 166 -13.32 3.91 -7.01
C LYS C 166 -12.14 3.74 -6.08
N GLN C 167 -12.37 3.04 -4.98
CA GLN C 167 -11.29 2.69 -4.07
C GLN C 167 -10.45 1.59 -4.71
N SER C 168 -9.22 1.40 -4.24
CA SER C 168 -8.32 0.40 -4.82
C SER C 168 -8.84 -1.04 -4.72
N ASN C 169 -9.78 -1.29 -3.81
CA ASN C 169 -10.45 -2.58 -3.77
C ASN C 169 -11.72 -2.66 -4.65
N ASN C 170 -11.84 -1.72 -5.59
CA ASN C 170 -12.92 -1.69 -6.60
C ASN C 170 -14.29 -1.29 -6.06
N LYS C 171 -14.46 -1.31 -4.76
CA LYS C 171 -15.64 -0.71 -4.17
C LYS C 171 -15.52 0.85 -4.27
N TYR C 172 -16.54 1.58 -3.78
CA TYR C 172 -16.60 3.04 -3.94
C TYR C 172 -16.70 3.86 -2.64
N ALA C 173 -16.28 5.12 -2.71
CA ALA C 173 -16.36 6.02 -1.54
C ALA C 173 -16.90 7.41 -1.89
N ALA C 174 -17.49 8.05 -0.90
CA ALA C 174 -18.04 9.40 -1.08
C ALA C 174 -18.09 10.11 0.27
N SER C 175 -18.25 11.43 0.24
CA SER C 175 -18.40 12.15 1.48
C SER C 175 -19.34 13.32 1.30
N SER C 176 -19.97 13.75 2.39
CA SER C 176 -20.83 14.91 2.33
C SER C 176 -20.65 15.77 3.58
N TYR C 177 -20.59 17.07 3.33
CA TYR C 177 -20.31 18.08 4.34
C TYR C 177 -21.46 19.08 4.43
N LEU C 178 -21.99 19.24 5.65
CA LEU C 178 -23.03 20.23 5.95
C LEU C 178 -22.44 21.33 6.83
N SER C 179 -22.34 22.53 6.26
CA SER C 179 -21.77 23.66 7.00
C SER C 179 -22.88 24.42 7.74
N LEU C 180 -22.62 24.75 9.00
CA LEU C 180 -23.58 25.46 9.84
C LEU C 180 -22.94 26.45 10.80
N THR C 181 -23.78 27.27 11.42
CA THR C 181 -23.34 28.11 12.53
C THR C 181 -23.50 27.28 13.78
N PRO C 182 -22.76 27.63 14.86
CA PRO C 182 -22.97 26.97 16.13
C PRO C 182 -24.42 27.03 16.59
N GLU C 183 -25.11 28.13 16.26
CA GLU C 183 -26.51 28.33 16.68
C GLU C 183 -27.45 27.37 15.97
N GLN C 184 -27.28 27.31 14.66
CA GLN C 184 -28.05 26.39 13.84
C GLN C 184 -27.89 24.98 14.40
N TRP C 185 -26.67 24.60 14.76
CA TRP C 185 -26.39 23.25 15.18
C TRP C 185 -27.05 22.98 16.55
N LYS C 186 -26.87 23.92 17.47
CA LYS C 186 -27.39 23.78 18.83
C LYS C 186 -28.94 23.89 18.91
N SER C 187 -29.59 24.47 17.91
CA SER C 187 -31.06 24.63 17.90
C SER C 187 -31.84 23.31 17.99
N HIS C 188 -31.52 22.41 17.06
CA HIS C 188 -32.22 21.14 16.89
C HIS C 188 -31.72 20.10 17.85
N ARG C 189 -32.54 19.08 18.06
CA ARG C 189 -32.19 17.97 18.92
C ARG C 189 -31.14 17.09 18.24
N SER C 190 -31.15 17.07 16.91
CA SER C 190 -30.27 16.19 16.14
C SER C 190 -30.20 16.57 14.67
N TYR C 191 -29.13 16.11 14.04
CA TYR C 191 -29.02 16.11 12.57
C TYR C 191 -28.86 14.68 12.11
N SER C 192 -29.37 14.41 10.90
CA SER C 192 -29.21 13.10 10.29
C SER C 192 -28.59 13.18 8.89
N CYS C 193 -27.77 12.20 8.57
CA CYS C 193 -27.31 11.96 7.21
C CYS C 193 -27.96 10.67 6.63
N GLN C 194 -28.58 10.78 5.47
CA GLN C 194 -29.40 9.69 4.99
C GLN C 194 -28.88 9.20 3.65
N VAL C 195 -28.27 8.04 3.61
CA VAL C 195 -27.72 7.62 2.34
C VAL C 195 -28.51 6.45 1.79
N THR C 196 -28.93 6.62 0.54
CA THR C 196 -29.68 5.62 -0.19
C THR C 196 -28.81 5.03 -1.30
N HIS C 197 -28.67 3.70 -1.29
CA HIS C 197 -27.83 2.97 -2.24
C HIS C 197 -28.56 1.76 -2.80
N GLU C 198 -28.82 1.77 -4.11
CA GLU C 198 -29.52 0.66 -4.75
C GLU C 198 -30.83 0.31 -4.05
N GLY C 199 -31.65 1.32 -3.79
CA GLY C 199 -32.99 1.10 -3.27
C GLY C 199 -33.09 1.01 -1.76
N SER C 200 -31.94 0.91 -1.09
CA SER C 200 -31.93 0.75 0.36
C SER C 200 -31.25 1.94 1.04
N THR C 201 -31.73 2.29 2.22
CA THR C 201 -31.34 3.52 2.90
C THR C 201 -30.64 3.23 4.21
N VAL C 202 -29.45 3.79 4.36
CA VAL C 202 -28.77 3.81 5.65
C VAL C 202 -28.82 5.22 6.22
N GLU C 203 -29.12 5.32 7.52
CA GLU C 203 -29.16 6.62 8.19
C GLU C 203 -28.40 6.66 9.52
N LYS C 204 -27.70 7.76 9.76
CA LYS C 204 -27.00 7.94 11.02
C LYS C 204 -27.41 9.28 11.64
N THR C 205 -27.25 9.38 12.95
CA THR C 205 -27.70 10.58 13.66
C THR C 205 -26.76 10.97 14.78
N VAL C 206 -26.35 12.24 14.79
CA VAL C 206 -25.63 12.82 15.92
C VAL C 206 -26.41 13.97 16.55
N ALA C 207 -25.98 14.38 17.73
CA ALA C 207 -26.67 15.38 18.53
C ALA C 207 -25.65 16.22 19.30
N PRO C 208 -26.02 17.45 19.68
CA PRO C 208 -25.04 18.41 20.19
C PRO C 208 -24.07 18.00 21.32
N THR C 209 -24.44 17.10 22.23
CA THR C 209 -23.59 16.69 23.37
C THR C 209 -23.57 17.73 24.50
N GLU C 210 -24.31 17.41 25.57
CA GLU C 210 -24.62 18.36 26.62
C GLU C 210 -25.46 17.65 27.68
N VAL D 3 -1.19 -34.01 10.08
CA VAL D 3 -1.23 -35.38 9.55
C VAL D 3 -1.55 -35.34 8.04
N LEU D 4 -1.76 -34.13 7.52
CA LEU D 4 -1.96 -33.91 6.09
C LEU D 4 -0.67 -33.50 5.43
N THR D 5 -0.27 -34.18 4.36
CA THR D 5 0.93 -33.75 3.67
C THR D 5 0.60 -32.95 2.39
N GLN D 6 1.43 -31.95 2.13
CA GLN D 6 1.43 -31.18 0.88
C GLN D 6 2.84 -31.12 0.35
N PRO D 7 2.97 -31.07 -0.97
CA PRO D 7 4.30 -30.78 -1.51
C PRO D 7 4.77 -29.40 -1.05
N PRO D 8 6.01 -29.30 -0.54
CA PRO D 8 6.59 -28.01 -0.15
C PRO D 8 6.53 -26.96 -1.27
N SER D 9 6.63 -27.37 -2.52
CA SER D 9 6.61 -26.41 -3.63
C SER D 9 5.99 -26.95 -4.91
N VAL D 10 5.42 -26.05 -5.71
CA VAL D 10 4.97 -26.42 -7.05
C VAL D 10 5.31 -25.30 -8.04
N SER D 11 5.79 -25.65 -9.22
CA SER D 11 6.05 -24.66 -10.27
C SER D 11 5.07 -24.81 -11.44
N VAL D 12 4.70 -23.68 -12.04
CA VAL D 12 3.82 -23.68 -13.18
C VAL D 12 4.20 -22.46 -14.05
N SER D 13 3.99 -22.59 -15.37
CA SER D 13 4.30 -21.52 -16.33
C SER D 13 3.06 -20.63 -16.54
N PRO D 14 3.28 -19.31 -16.74
CA PRO D 14 2.17 -18.33 -16.76
C PRO D 14 1.02 -18.79 -17.63
N GLY D 15 -0.21 -18.58 -17.18
CA GLY D 15 -1.37 -18.87 -18.00
C GLY D 15 -1.67 -20.35 -18.19
N GLN D 16 -1.00 -21.21 -17.43
CA GLN D 16 -1.27 -22.65 -17.50
C GLN D 16 -1.93 -23.12 -16.23
N THR D 17 -1.95 -24.43 -16.03
CA THR D 17 -2.73 -24.97 -14.93
C THR D 17 -1.89 -25.44 -13.76
N ALA D 18 -2.19 -24.90 -12.59
CA ALA D 18 -1.54 -25.31 -11.35
C ALA D 18 -2.38 -26.38 -10.64
N SER D 19 -1.70 -27.41 -10.14
CA SER D 19 -2.34 -28.45 -9.35
C SER D 19 -1.67 -28.62 -7.99
N ILE D 20 -2.42 -28.36 -6.92
CA ILE D 20 -1.90 -28.57 -5.57
C ILE D 20 -2.71 -29.62 -4.85
N THR D 21 -2.10 -30.76 -4.58
CA THR D 21 -2.84 -31.83 -3.95
C THR D 21 -2.56 -31.92 -2.46
N CYS D 22 -3.57 -32.33 -1.72
CA CYS D 22 -3.43 -32.52 -0.29
C CYS D 22 -3.92 -33.88 0.18
N SER D 23 -3.05 -34.61 0.87
CA SER D 23 -3.33 -36.00 1.22
C SER D 23 -3.31 -36.34 2.72
N GLY D 24 -4.25 -37.14 3.13
CA GLY D 24 -4.29 -37.57 4.49
C GLY D 24 -5.20 -38.73 4.67
N GLU D 25 -4.99 -39.50 5.71
CA GLU D 25 -5.83 -40.61 6.05
C GLU D 25 -7.17 -39.93 6.32
N LYS D 26 -8.29 -40.60 6.18
CA LYS D 26 -9.57 -39.97 6.53
C LYS D 26 -10.06 -38.73 5.78
N LEU D 27 -9.43 -38.34 4.70
CA LEU D 27 -9.85 -37.12 4.00
C LEU D 27 -11.27 -37.13 3.46
N GLY D 28 -11.69 -38.32 3.07
CA GLY D 28 -13.02 -38.61 2.60
C GLY D 28 -14.07 -38.45 3.68
N ASP D 29 -13.65 -38.40 4.92
CA ASP D 29 -14.54 -38.16 6.05
C ASP D 29 -14.62 -36.66 6.38
N GLU D 30 -13.88 -35.87 5.63
CA GLU D 30 -13.60 -34.51 6.01
C GLU D 30 -14.01 -33.55 4.90
N TYR D 31 -14.21 -32.29 5.29
CA TYR D 31 -14.33 -31.20 4.34
C TYR D 31 -12.97 -30.53 4.21
N ALA D 32 -12.53 -30.35 2.97
CA ALA D 32 -11.25 -29.69 2.69
C ALA D 32 -11.46 -28.20 2.38
N SER D 33 -10.48 -27.37 2.76
CA SER D 33 -10.46 -25.96 2.37
C SER D 33 -9.04 -25.47 2.07
N TRP D 34 -8.95 -24.42 1.25
CA TRP D 34 -7.69 -23.84 0.82
C TRP D 34 -7.58 -22.37 1.16
N TYR D 35 -6.39 -22.00 1.65
CA TYR D 35 -6.10 -20.63 2.05
C TYR D 35 -4.83 -20.16 1.36
N GLN D 36 -4.94 -19.02 0.67
CA GLN D 36 -3.81 -18.40 0.00
C GLN D 36 -3.17 -17.36 0.94
N GLN D 37 -1.84 -17.39 1.10
CA GLN D 37 -1.16 -16.35 1.90
C GLN D 37 0.07 -15.81 1.19
N LYS D 38 0.08 -14.49 0.95
CA LYS D 38 1.31 -13.83 0.46
C LYS D 38 2.03 -13.29 1.67
N PRO D 39 3.36 -13.41 1.70
CA PRO D 39 4.12 -13.03 2.89
C PRO D 39 3.80 -11.59 3.28
N GLY D 40 3.73 -11.31 4.58
CA GLY D 40 3.42 -9.98 5.08
C GLY D 40 1.93 -9.67 5.08
N GLN D 41 1.12 -10.66 4.75
CA GLN D 41 -0.35 -10.50 4.73
C GLN D 41 -1.04 -11.65 5.46
N SER D 42 -2.31 -11.46 5.82
CA SER D 42 -3.02 -12.55 6.46
C SER D 42 -3.75 -13.32 5.39
N PRO D 43 -3.79 -14.65 5.55
CA PRO D 43 -4.30 -15.58 4.54
C PRO D 43 -5.69 -15.26 4.06
N VAL D 44 -6.01 -15.82 2.90
CA VAL D 44 -7.28 -15.64 2.23
C VAL D 44 -7.94 -16.98 1.90
N LEU D 45 -9.22 -17.09 2.24
CA LEU D 45 -10.01 -18.27 1.85
C LEU D 45 -10.34 -18.26 0.34
N VAL D 46 -9.88 -19.28 -0.39
CA VAL D 46 -10.19 -19.39 -1.84
C VAL D 46 -11.11 -20.57 -2.22
N ILE D 47 -11.03 -21.67 -1.48
CA ILE D 47 -11.94 -22.78 -1.63
C ILE D 47 -12.32 -23.29 -0.25
N TYR D 48 -13.60 -23.55 -0.04
CA TYR D 48 -14.02 -24.22 1.18
C TYR D 48 -15.01 -25.35 0.84
N GLN D 49 -15.21 -26.24 1.81
CA GLN D 49 -16.08 -27.40 1.61
C GLN D 49 -15.74 -28.12 0.31
N ASP D 50 -14.51 -28.58 0.22
CA ASP D 50 -14.01 -29.33 -0.92
C ASP D 50 -13.99 -28.53 -2.21
N ASN D 51 -15.10 -27.84 -2.53
CA ASN D 51 -15.22 -27.20 -3.85
C ASN D 51 -16.20 -26.03 -3.99
N LYS D 52 -16.59 -25.40 -2.89
CA LYS D 52 -17.38 -24.18 -2.95
C LYS D 52 -16.40 -23.02 -2.95
N ARG D 53 -16.75 -21.94 -3.64
CA ARG D 53 -15.82 -20.83 -3.81
C ARG D 53 -16.44 -19.57 -3.22
N PRO D 54 -15.71 -18.94 -2.29
CA PRO D 54 -16.26 -17.73 -1.66
C PRO D 54 -16.46 -16.61 -2.67
N SER D 55 -17.60 -15.94 -2.62
CA SER D 55 -17.84 -14.83 -3.52
C SER D 55 -16.70 -13.83 -3.43
N GLY D 56 -16.23 -13.39 -4.60
CA GLY D 56 -15.13 -12.47 -4.65
C GLY D 56 -13.81 -13.12 -4.99
N ILE D 57 -13.78 -14.46 -5.04
CA ILE D 57 -12.56 -15.17 -5.42
C ILE D 57 -12.63 -15.56 -6.91
N PRO D 58 -11.54 -15.33 -7.67
CA PRO D 58 -11.50 -15.59 -9.12
C PRO D 58 -11.85 -17.02 -9.47
N GLU D 59 -12.69 -17.17 -10.48
CA GLU D 59 -13.25 -18.46 -10.84
C GLU D 59 -12.23 -19.50 -11.22
N ARG D 60 -11.01 -19.08 -11.53
CA ARG D 60 -10.03 -20.04 -12.00
C ARG D 60 -9.52 -20.89 -10.84
N PHE D 61 -10.03 -20.61 -9.64
CA PHE D 61 -9.77 -21.42 -8.45
C PHE D 61 -10.83 -22.48 -8.17
N SER D 62 -10.46 -23.76 -8.25
CA SER D 62 -11.41 -24.79 -7.85
C SER D 62 -10.74 -25.94 -7.12
N GLY D 63 -11.55 -26.74 -6.42
CA GLY D 63 -11.02 -27.82 -5.60
C GLY D 63 -11.77 -29.11 -5.79
N SER D 64 -11.24 -30.19 -5.22
CA SER D 64 -11.86 -31.51 -5.26
C SER D 64 -11.43 -32.31 -4.04
N ASN D 65 -12.24 -33.30 -3.69
CA ASN D 65 -11.93 -34.15 -2.55
C ASN D 65 -12.24 -35.60 -2.93
N SER D 66 -11.19 -36.39 -3.14
CA SER D 66 -11.35 -37.74 -3.67
C SER D 66 -10.85 -38.81 -2.70
N GLY D 67 -11.01 -38.57 -1.40
CA GLY D 67 -10.83 -39.63 -0.43
C GLY D 67 -9.49 -39.68 0.27
N ASN D 68 -8.43 -39.87 -0.50
CA ASN D 68 -7.08 -39.77 0.06
C ASN D 68 -6.58 -38.35 -0.12
N THR D 69 -7.20 -37.64 -1.06
CA THR D 69 -6.52 -36.50 -1.67
C THR D 69 -7.46 -35.34 -1.93
N ALA D 70 -7.07 -34.16 -1.44
CA ALA D 70 -7.77 -32.93 -1.76
C ALA D 70 -6.94 -32.21 -2.80
N THR D 71 -7.57 -31.60 -3.77
CA THR D 71 -6.79 -31.06 -4.86
C THR D 71 -7.24 -29.68 -5.15
N LEU D 72 -6.30 -28.76 -5.17
CA LEU D 72 -6.57 -27.38 -5.54
C LEU D 72 -6.09 -27.18 -6.98
N THR D 73 -6.91 -26.51 -7.79
CA THR D 73 -6.60 -26.32 -9.19
C THR D 73 -6.76 -24.86 -9.58
N ILE D 74 -5.74 -24.35 -10.27
CA ILE D 74 -5.72 -22.95 -10.66
C ILE D 74 -5.52 -22.87 -12.15
N SER D 75 -6.49 -22.33 -12.87
CA SER D 75 -6.38 -22.37 -14.31
C SER D 75 -5.94 -21.02 -14.83
N GLY D 76 -5.11 -21.03 -15.87
CA GLY D 76 -4.63 -19.79 -16.46
C GLY D 76 -3.94 -19.04 -15.35
N THR D 77 -2.97 -19.71 -14.75
CA THR D 77 -2.28 -19.21 -13.58
C THR D 77 -1.59 -17.87 -13.85
N GLN D 78 -1.68 -16.97 -12.87
CA GLN D 78 -1.05 -15.66 -12.92
C GLN D 78 0.17 -15.56 -12.02
N ALA D 79 1.07 -14.65 -12.37
CA ALA D 79 2.16 -14.32 -11.47
C ALA D 79 1.59 -13.77 -10.16
N MET D 80 0.44 -13.13 -10.21
CA MET D 80 -0.14 -12.63 -8.97
C MET D 80 -0.81 -13.72 -8.14
N ASP D 81 -0.71 -14.99 -8.58
CA ASP D 81 -1.14 -16.16 -7.80
C ASP D 81 -0.02 -16.78 -6.97
N GLU D 82 1.20 -16.29 -7.16
CA GLU D 82 2.35 -16.71 -6.34
C GLU D 82 1.97 -16.49 -4.87
N ALA D 83 2.13 -17.56 -4.10
CA ALA D 83 1.67 -17.59 -2.71
C ALA D 83 2.07 -18.91 -2.04
N ASP D 84 1.94 -18.94 -0.72
CA ASP D 84 1.89 -20.19 0.01
C ASP D 84 0.45 -20.62 0.08
N TYR D 85 0.17 -21.82 -0.42
CA TYR D 85 -1.17 -22.31 -0.43
C TYR D 85 -1.35 -23.34 0.67
N TYR D 86 -2.38 -23.16 1.48
CA TYR D 86 -2.57 -23.98 2.66
C TYR D 86 -3.81 -24.88 2.60
N CYS D 87 -3.56 -26.18 2.62
CA CYS D 87 -4.59 -27.21 2.74
C CYS D 87 -5.08 -27.38 4.19
N GLN D 88 -6.38 -27.45 4.42
CA GLN D 88 -6.92 -27.44 5.79
C GLN D 88 -8.08 -28.44 5.83
N ALA D 89 -8.06 -29.41 6.76
CA ALA D 89 -9.10 -30.47 6.80
C ALA D 89 -9.92 -30.42 8.08
N TRP D 90 -11.23 -30.30 7.92
CA TRP D 90 -12.15 -30.19 9.04
C TRP D 90 -12.91 -31.52 9.22
N ASP D 91 -12.97 -31.99 10.45
CA ASP D 91 -13.52 -33.31 10.68
C ASP D 91 -14.61 -33.31 11.73
N SER D 92 -15.14 -32.12 12.02
CA SER D 92 -16.14 -31.89 13.08
C SER D 92 -15.54 -31.70 14.47
N SER D 93 -14.33 -32.21 14.67
CA SER D 93 -13.66 -32.08 15.97
C SER D 93 -12.57 -31.02 15.98
N THR D 94 -11.70 -31.04 14.97
CA THR D 94 -10.56 -30.14 14.89
C THR D 94 -10.38 -29.72 13.44
N LEU D 95 -9.73 -28.57 13.24
CA LEU D 95 -9.31 -28.13 11.92
C LEU D 95 -7.80 -28.23 11.86
N LEU D 96 -7.31 -28.99 10.90
CA LEU D 96 -5.90 -29.22 10.76
C LEU D 96 -5.43 -28.63 9.44
N PHE D 97 -4.34 -27.84 9.50
CA PHE D 97 -3.72 -27.26 8.32
C PHE D 97 -2.53 -28.10 7.85
N GLY D 98 -2.39 -28.26 6.55
CA GLY D 98 -1.16 -28.82 6.00
C GLY D 98 0.03 -27.85 6.01
N GLY D 99 1.21 -28.40 5.78
CA GLY D 99 2.46 -27.66 5.90
C GLY D 99 2.63 -26.48 4.97
N GLY D 100 1.78 -26.39 3.95
CA GLY D 100 1.87 -25.34 2.96
C GLY D 100 2.53 -25.76 1.66
N THR D 101 2.06 -25.17 0.56
CA THR D 101 2.65 -25.32 -0.76
C THR D 101 3.03 -23.96 -1.34
N LYS D 102 4.33 -23.72 -1.55
CA LYS D 102 4.72 -22.46 -2.17
C LYS D 102 4.58 -22.55 -3.69
N LEU D 103 3.72 -21.72 -4.27
CA LEU D 103 3.50 -21.77 -5.70
C LEU D 103 4.44 -20.84 -6.48
N THR D 104 5.34 -21.43 -7.28
CA THR D 104 6.17 -20.67 -8.20
C THR D 104 5.62 -20.56 -9.64
N VAL D 105 5.43 -19.32 -10.08
CA VAL D 105 5.03 -19.05 -11.44
C VAL D 105 6.19 -18.48 -12.23
N LEU D 106 6.68 -19.24 -13.21
CA LEU D 106 7.70 -18.76 -14.15
C LEU D 106 7.04 -17.80 -15.17
N GLY D 107 7.70 -17.31 -16.22
CA GLY D 107 9.10 -16.98 -16.25
C GLY D 107 9.00 -15.47 -16.07
N GLN D 108 9.26 -15.01 -14.86
CA GLN D 108 9.24 -13.58 -14.61
C GLN D 108 10.63 -13.06 -14.93
N PRO D 109 10.72 -11.82 -15.42
CA PRO D 109 12.00 -11.25 -15.79
C PRO D 109 13.01 -11.28 -14.63
N LYS D 110 14.15 -11.89 -14.89
CA LYS D 110 15.28 -11.83 -13.98
C LYS D 110 15.52 -10.37 -13.59
N ALA D 111 15.76 -10.12 -12.32
CA ALA D 111 15.99 -8.74 -11.92
C ALA D 111 17.18 -8.71 -10.99
N ALA D 112 18.23 -8.01 -11.42
CA ALA D 112 19.45 -7.82 -10.65
C ALA D 112 19.22 -6.99 -9.39
N PRO D 113 19.94 -7.31 -8.31
CA PRO D 113 19.82 -6.62 -7.02
C PRO D 113 20.27 -5.16 -7.09
N SER D 114 19.46 -4.25 -6.56
CA SER D 114 19.92 -2.89 -6.34
C SER D 114 20.55 -2.82 -4.93
N VAL D 115 21.81 -2.39 -4.82
CA VAL D 115 22.50 -2.45 -3.53
C VAL D 115 22.93 -1.09 -3.01
N THR D 116 22.58 -0.79 -1.75
CA THR D 116 23.01 0.43 -1.06
C THR D 116 23.85 0.13 0.18
N LEU D 117 25.09 0.62 0.21
CA LEU D 117 25.96 0.41 1.38
C LEU D 117 26.18 1.67 2.22
N PHE D 118 25.89 1.59 3.51
CA PHE D 118 26.13 2.71 4.41
C PHE D 118 27.26 2.45 5.39
N PRO D 119 28.17 3.41 5.55
CA PRO D 119 29.21 3.27 6.59
C PRO D 119 28.63 3.50 8.00
N PRO D 120 29.44 3.33 9.05
CA PRO D 120 28.88 3.73 10.36
C PRO D 120 28.63 5.23 10.42
N SER D 121 27.67 5.64 11.24
CA SER D 121 27.41 7.06 11.48
C SER D 121 28.33 7.59 12.56
N SER D 122 28.60 8.88 12.50
CA SER D 122 29.45 9.50 13.49
C SER D 122 28.86 9.34 14.88
N GLU D 123 27.53 9.37 14.94
CA GLU D 123 26.86 9.18 16.21
C GLU D 123 27.20 7.80 16.75
N GLU D 124 27.14 6.77 15.92
CA GLU D 124 27.35 5.44 16.45
C GLU D 124 28.81 5.24 16.81
N LEU D 125 29.71 5.79 15.99
CA LEU D 125 31.15 5.77 16.32
C LEU D 125 31.36 6.40 17.69
N GLN D 126 30.71 7.53 17.90
CA GLN D 126 30.83 8.27 19.13
C GLN D 126 30.39 7.42 20.33
N ALA D 127 29.46 6.50 20.08
CA ALA D 127 28.97 5.63 21.12
C ALA D 127 29.83 4.37 21.23
N ASN D 128 30.93 4.35 20.48
CA ASN D 128 31.95 3.30 20.56
C ASN D 128 31.43 1.97 20.00
N LYS D 129 30.64 2.05 18.94
CA LYS D 129 30.17 0.87 18.20
C LYS D 129 30.24 1.22 16.74
N ALA D 130 30.09 0.24 15.87
CA ALA D 130 30.13 0.53 14.44
C ALA D 130 29.44 -0.55 13.63
N THR D 131 28.46 -0.14 12.83
CA THR D 131 27.72 -1.07 11.97
C THR D 131 27.75 -0.67 10.49
N LEU D 132 28.04 -1.64 9.65
CA LEU D 132 27.90 -1.48 8.22
C LEU D 132 26.53 -1.97 7.76
N VAL D 133 25.90 -1.21 6.88
CA VAL D 133 24.57 -1.56 6.42
C VAL D 133 24.52 -1.78 4.91
N CYS D 134 24.22 -3.00 4.49
CA CYS D 134 24.11 -3.35 3.08
C CYS D 134 22.68 -3.71 2.72
N LEU D 135 22.06 -2.88 1.89
CA LEU D 135 20.63 -2.96 1.67
C LEU D 135 20.37 -3.45 0.27
N ILE D 136 19.93 -4.70 0.17
CA ILE D 136 19.83 -5.39 -1.12
C ILE D 136 18.39 -5.47 -1.56
N SER D 137 18.05 -4.80 -2.65
CA SER D 137 16.65 -4.71 -3.00
C SER D 137 16.33 -5.00 -4.46
N ASP D 138 15.04 -5.22 -4.66
CA ASP D 138 14.41 -5.26 -5.97
C ASP D 138 14.96 -6.37 -6.90
N PHE D 139 15.22 -7.55 -6.34
CA PHE D 139 15.81 -8.62 -7.13
C PHE D 139 14.91 -9.82 -7.20
N TYR D 140 15.10 -10.59 -8.26
CA TYR D 140 14.36 -11.81 -8.55
C TYR D 140 15.19 -12.61 -9.53
N PRO D 141 15.25 -13.95 -9.35
CA PRO D 141 14.63 -14.70 -8.26
C PRO D 141 15.29 -14.45 -6.90
N GLY D 142 14.81 -15.17 -5.88
CA GLY D 142 15.11 -14.86 -4.50
C GLY D 142 16.44 -15.29 -3.93
N ALA D 143 17.19 -16.14 -4.62
CA ALA D 143 18.48 -16.62 -4.10
C ALA D 143 19.54 -15.53 -4.21
N VAL D 144 20.33 -15.33 -3.15
CA VAL D 144 21.45 -14.38 -3.16
C VAL D 144 22.59 -14.82 -2.28
N THR D 145 23.79 -14.46 -2.72
CA THR D 145 25.02 -14.64 -1.96
C THR D 145 25.49 -13.28 -1.54
N VAL D 146 25.57 -13.06 -0.23
CA VAL D 146 26.10 -11.82 0.30
C VAL D 146 27.35 -12.12 1.09
N ALA D 147 28.43 -11.49 0.67
CA ALA D 147 29.69 -11.69 1.36
C ALA D 147 30.30 -10.32 1.69
N TRP D 148 31.16 -10.31 2.69
CA TRP D 148 31.76 -9.06 3.13
C TRP D 148 33.25 -9.13 2.99
N LYS D 149 33.88 -7.99 2.73
CA LYS D 149 35.33 -7.97 2.79
C LYS D 149 35.91 -6.79 3.55
N ALA D 150 36.99 -7.08 4.26
CA ALA D 150 37.84 -6.08 4.87
C ALA D 150 39.00 -5.91 3.93
N ASP D 151 39.23 -4.69 3.49
CA ASP D 151 40.08 -4.46 2.33
C ASP D 151 39.62 -5.40 1.22
N SER D 152 40.54 -6.24 0.76
CA SER D 152 40.20 -7.35 -0.12
C SER D 152 40.20 -8.71 0.58
N SER D 153 39.81 -8.77 1.85
CA SER D 153 39.72 -10.04 2.58
C SER D 153 38.29 -10.42 2.96
N PRO D 154 37.86 -11.63 2.56
CA PRO D 154 36.56 -12.18 2.99
C PRO D 154 36.45 -12.24 4.51
N VAL D 155 35.38 -11.69 5.08
CA VAL D 155 35.18 -11.73 6.53
C VAL D 155 33.84 -12.37 6.92
N LYS D 156 33.88 -13.25 7.92
CA LYS D 156 32.69 -13.96 8.40
C LYS D 156 32.23 -13.47 9.76
N ALA D 157 33.17 -13.09 10.62
CA ALA D 157 32.80 -12.71 11.96
C ALA D 157 32.16 -11.31 11.98
N GLY D 158 31.12 -11.14 12.79
CA GLY D 158 30.41 -9.87 12.92
C GLY D 158 29.29 -9.73 11.91
N VAL D 159 29.09 -10.79 11.10
CA VAL D 159 28.18 -10.72 9.97
C VAL D 159 26.85 -11.40 10.24
N GLU D 160 25.78 -10.61 10.15
CA GLU D 160 24.40 -11.07 10.23
C GLU D 160 23.65 -10.67 8.97
N THR D 161 22.93 -11.61 8.37
CA THR D 161 22.28 -11.38 7.09
C THR D 161 20.88 -11.99 7.08
N THR D 162 19.87 -11.25 6.60
CA THR D 162 18.51 -11.82 6.55
C THR D 162 18.34 -12.93 5.51
N LYS D 163 17.25 -13.67 5.65
CA LYS D 163 16.74 -14.47 4.54
C LYS D 163 16.09 -13.49 3.57
N PRO D 164 16.05 -13.81 2.27
CA PRO D 164 15.28 -12.91 1.41
C PRO D 164 13.79 -12.95 1.73
N SER D 165 13.10 -11.85 1.50
CA SER D 165 11.66 -11.79 1.74
C SER D 165 10.99 -11.37 0.44
N LYS D 166 9.96 -12.10 0.05
CA LYS D 166 9.29 -11.83 -1.22
C LYS D 166 8.31 -10.69 -0.97
N GLN D 167 8.30 -9.67 -1.81
CA GLN D 167 7.54 -8.48 -1.47
C GLN D 167 6.23 -8.68 -2.26
N SER D 168 5.27 -7.76 -2.23
CA SER D 168 4.00 -7.99 -2.95
C SER D 168 4.07 -7.88 -4.47
N ASN D 169 5.15 -7.28 -4.96
CA ASN D 169 5.41 -7.16 -6.38
C ASN D 169 6.15 -8.40 -6.88
N ASN D 170 6.18 -9.44 -6.04
CA ASN D 170 6.76 -10.77 -6.32
C ASN D 170 8.27 -10.82 -6.24
N LYS D 171 8.90 -9.66 -6.11
CA LYS D 171 10.36 -9.61 -6.06
C LYS D 171 10.85 -9.72 -4.62
N TYR D 172 12.16 -9.67 -4.44
CA TYR D 172 12.75 -9.95 -3.13
C TYR D 172 13.58 -8.79 -2.57
N ALA D 173 13.70 -8.77 -1.24
CA ALA D 173 14.66 -7.88 -0.58
C ALA D 173 15.45 -8.63 0.48
N ALA D 174 16.55 -8.03 0.92
CA ALA D 174 17.31 -8.55 2.03
C ALA D 174 18.29 -7.50 2.51
N SER D 175 18.80 -7.71 3.72
CA SER D 175 19.71 -6.76 4.31
C SER D 175 20.78 -7.52 5.09
N SER D 176 21.99 -6.98 5.11
CA SER D 176 23.12 -7.59 5.80
C SER D 176 23.78 -6.56 6.70
N TYR D 177 24.34 -7.04 7.81
CA TYR D 177 24.99 -6.17 8.78
C TYR D 177 26.35 -6.69 9.22
N LEU D 178 27.32 -5.78 9.24
CA LEU D 178 28.66 -6.09 9.75
C LEU D 178 29.00 -5.21 10.95
N SER D 179 29.01 -5.83 12.12
CA SER D 179 29.43 -5.19 13.36
C SER D 179 30.94 -5.29 13.53
N LEU D 180 31.57 -4.18 13.90
CA LEU D 180 33.02 -4.11 14.08
C LEU D 180 33.37 -2.97 15.03
N THR D 181 34.55 -3.02 15.64
CA THR D 181 34.96 -1.94 16.51
C THR D 181 35.17 -0.66 15.70
N PRO D 182 35.02 0.53 16.34
CA PRO D 182 35.43 1.74 15.62
C PRO D 182 36.91 1.70 15.23
N GLU D 183 37.71 0.99 16.00
CA GLU D 183 39.15 0.90 15.73
C GLU D 183 39.45 0.16 14.44
N GLN D 184 38.83 -0.99 14.25
CA GLN D 184 39.10 -1.78 13.06
C GLN D 184 38.41 -1.18 11.85
N TRP D 185 37.41 -0.33 12.09
CA TRP D 185 36.81 0.42 11.01
C TRP D 185 37.77 1.46 10.42
N LYS D 186 38.40 2.23 11.29
CA LYS D 186 39.34 3.26 10.88
C LYS D 186 40.63 2.63 10.31
N SER D 187 41.09 1.54 10.91
CA SER D 187 42.35 0.91 10.54
C SER D 187 42.43 0.36 9.13
N HIS D 188 41.31 -0.06 8.55
CA HIS D 188 41.35 -0.60 7.19
C HIS D 188 41.13 0.51 6.18
N ARG D 189 41.59 0.33 4.95
CA ARG D 189 41.30 1.31 3.91
C ARG D 189 39.86 1.28 3.42
N SER D 190 39.21 0.12 3.47
CA SER D 190 37.83 0.03 3.00
C SER D 190 37.15 -1.20 3.52
N TYR D 191 35.83 -1.18 3.46
CA TYR D 191 35.04 -2.38 3.64
C TYR D 191 34.14 -2.52 2.42
N SER D 192 33.78 -3.75 2.06
CA SER D 192 32.93 -3.94 0.90
C SER D 192 31.88 -5.01 1.11
N CYS D 193 30.63 -4.71 0.76
CA CYS D 193 29.58 -5.71 0.74
C CYS D 193 29.31 -6.12 -0.71
N GLN D 194 29.47 -7.40 -1.02
CA GLN D 194 29.31 -7.83 -2.42
C GLN D 194 28.13 -8.80 -2.54
N VAL D 195 27.27 -8.51 -3.52
CA VAL D 195 26.06 -9.32 -3.71
C VAL D 195 26.04 -10.04 -5.04
N THR D 196 26.04 -11.37 -4.99
CA THR D 196 26.08 -12.12 -6.22
C THR D 196 24.71 -12.72 -6.47
N HIS D 197 24.24 -12.54 -7.70
CA HIS D 197 22.90 -12.96 -8.11
C HIS D 197 22.96 -13.56 -9.52
N GLU D 198 22.48 -14.79 -9.63
CA GLU D 198 22.56 -15.57 -10.85
C GLU D 198 23.94 -15.53 -11.53
N GLY D 199 24.98 -15.84 -10.77
CA GLY D 199 26.34 -15.82 -11.26
C GLY D 199 26.82 -14.44 -11.71
N SER D 200 26.24 -13.41 -11.12
CA SER D 200 26.60 -12.06 -11.47
C SER D 200 26.67 -11.23 -10.19
N THR D 201 27.77 -10.49 -10.02
CA THR D 201 28.06 -9.85 -8.76
C THR D 201 27.90 -8.34 -8.82
N VAL D 202 27.32 -7.79 -7.76
CA VAL D 202 27.32 -6.37 -7.52
C VAL D 202 28.06 -6.11 -6.20
N GLU D 203 29.04 -5.22 -6.26
CA GLU D 203 29.80 -4.88 -5.07
C GLU D 203 29.75 -3.40 -4.73
N LYS D 204 29.56 -3.10 -3.45
CA LYS D 204 29.67 -1.75 -2.96
C LYS D 204 30.69 -1.64 -1.82
N THR D 205 31.43 -0.53 -1.87
CA THR D 205 32.61 -0.27 -1.06
C THR D 205 32.51 1.10 -0.38
N VAL D 206 32.79 1.14 0.91
CA VAL D 206 32.84 2.38 1.63
C VAL D 206 34.16 2.41 2.37
N ALA D 207 34.65 3.62 2.65
CA ALA D 207 35.95 3.85 3.26
C ALA D 207 35.81 4.95 4.30
N PRO D 208 36.59 4.85 5.40
CA PRO D 208 36.33 5.64 6.60
C PRO D 208 36.49 7.15 6.46
N THR D 209 37.34 7.63 5.57
CA THR D 209 37.42 9.08 5.48
C THR D 209 36.98 9.59 4.12
N GLU D 210 35.76 9.20 3.72
CA GLU D 210 35.10 9.77 2.54
C GLU D 210 33.87 10.57 2.98
N CYS D 211 33.68 11.76 2.40
CA CYS D 211 32.59 12.67 2.74
C CYS D 211 31.29 12.18 2.13
#